data_4UZW
#
_entry.id   4UZW
#
_cell.length_a   1.000
_cell.length_b   1.000
_cell.length_c   1.000
_cell.angle_alpha   90.00
_cell.angle_beta   90.00
_cell.angle_gamma   90.00
#
_symmetry.space_group_name_H-M   'P 1'
#
_entity_poly.entity_id   1
_entity_poly.type   'polypeptide(L)'
_entity_poly.pdbx_seq_one_letter_code
;SADYSSLTVVQLKDLLTKRNLSVGGLKNELVQRLIKDDEESKGESEVSPQ
;
_entity_poly.pdbx_strand_id   A
#
# COMPACT_ATOMS: atom_id res chain seq x y z
N SER A 1 2.62 -4.15 6.22
CA SER A 1 2.22 -2.75 6.53
C SER A 1 3.43 -1.91 6.92
N ALA A 2 4.29 -2.49 7.76
CA ALA A 2 5.48 -1.78 8.22
C ALA A 2 6.70 -2.17 7.38
N ASP A 3 6.69 -3.39 6.85
CA ASP A 3 7.79 -3.88 6.03
C ASP A 3 8.00 -2.98 4.81
N TYR A 4 6.93 -2.35 4.34
CA TYR A 4 7.00 -1.46 3.19
C TYR A 4 7.98 -0.33 3.44
N SER A 5 7.85 0.32 4.59
CA SER A 5 8.72 1.43 4.95
C SER A 5 10.18 0.99 4.99
N SER A 6 10.40 -0.31 5.20
CA SER A 6 11.75 -0.86 5.25
C SER A 6 12.34 -1.03 3.86
N LEU A 7 11.47 -1.09 2.85
CA LEU A 7 11.91 -1.24 1.46
C LEU A 7 12.34 0.10 0.88
N THR A 8 13.18 0.03 -0.16
CA THR A 8 13.66 1.24 -0.82
C THR A 8 12.56 1.87 -1.67
N VAL A 9 12.83 3.07 -2.16
CA VAL A 9 11.85 3.77 -3.00
C VAL A 9 11.58 2.97 -4.27
N VAL A 10 12.63 2.43 -4.86
CA VAL A 10 12.50 1.63 -6.06
C VAL A 10 11.71 0.36 -5.78
N GLN A 11 11.98 -0.24 -4.63
CA GLN A 11 11.29 -1.46 -4.23
C GLN A 11 9.80 -1.17 -4.00
N LEU A 12 9.52 -0.10 -3.27
CA LEU A 12 8.14 0.29 -3.00
C LEU A 12 7.42 0.64 -4.29
N LYS A 13 8.12 1.31 -5.19
CA LYS A 13 7.54 1.69 -6.48
C LYS A 13 7.22 0.46 -7.31
N ASP A 14 8.05 -0.57 -7.19
CA ASP A 14 7.85 -1.80 -7.94
C ASP A 14 6.59 -2.52 -7.45
N LEU A 15 6.46 -2.63 -6.14
CA LEU A 15 5.31 -3.28 -5.55
C LEU A 15 4.02 -2.54 -5.92
N LEU A 16 4.09 -1.22 -5.94
CA LEU A 16 2.94 -0.40 -6.29
C LEU A 16 2.53 -0.65 -7.73
N THR A 17 3.52 -0.72 -8.63
CA THR A 17 3.25 -0.96 -10.03
C THR A 17 2.53 -2.29 -10.21
N LYS A 18 3.00 -3.30 -9.49
CA LYS A 18 2.39 -4.63 -9.54
C LYS A 18 1.01 -4.62 -8.91
N ARG A 19 0.80 -3.71 -7.96
CA ARG A 19 -0.48 -3.59 -7.27
C ARG A 19 -1.39 -2.56 -7.95
N ASN A 20 -0.86 -1.88 -8.97
CA ASN A 20 -1.64 -0.88 -9.70
C ASN A 20 -1.99 0.30 -8.79
N LEU A 21 -1.01 0.75 -8.01
CA LEU A 21 -1.22 1.88 -7.11
C LEU A 21 -0.40 3.09 -7.55
N SER A 22 -0.88 4.28 -7.20
CA SER A 22 -0.19 5.52 -7.57
C SER A 22 1.13 5.65 -6.80
N VAL A 23 2.21 5.84 -7.54
CA VAL A 23 3.53 6.00 -6.95
C VAL A 23 4.01 7.44 -7.00
N GLY A 24 3.07 8.38 -7.18
CA GLY A 24 3.42 9.78 -7.24
C GLY A 24 3.73 10.36 -5.89
N GLY A 25 3.13 9.79 -4.84
CA GLY A 25 3.36 10.28 -3.49
C GLY A 25 4.75 9.95 -2.97
N LEU A 26 5.14 10.59 -1.88
CA LEU A 26 6.44 10.37 -1.28
C LEU A 26 6.54 8.95 -0.70
N LYS A 27 7.75 8.58 -0.28
CA LYS A 27 7.97 7.25 0.30
C LYS A 27 6.92 6.92 1.35
N ASN A 28 6.68 7.86 2.27
CA ASN A 28 5.69 7.67 3.32
C ASN A 28 4.31 7.45 2.73
N GLU A 29 4.05 8.13 1.61
CA GLU A 29 2.78 8.01 0.92
C GLU A 29 2.62 6.63 0.31
N LEU A 30 3.74 6.09 -0.16
CA LEU A 30 3.75 4.77 -0.77
C LEU A 30 3.51 3.70 0.30
N VAL A 31 4.03 3.93 1.49
CA VAL A 31 3.88 2.99 2.59
C VAL A 31 2.43 2.95 3.06
N GLN A 32 1.85 4.12 3.28
CA GLN A 32 0.47 4.21 3.73
C GLN A 32 -0.49 3.68 2.66
N ARG A 33 -0.11 3.88 1.39
CA ARG A 33 -0.95 3.41 0.28
C ARG A 33 -0.98 1.88 0.27
N LEU A 34 0.18 1.27 0.43
CA LEU A 34 0.28 -0.18 0.45
C LEU A 34 -0.40 -0.73 1.70
N ILE A 35 -0.27 0.01 2.79
CA ILE A 35 -0.88 -0.36 4.06
C ILE A 35 -2.41 -0.33 3.98
N LYS A 36 -2.93 0.72 3.35
CA LYS A 36 -4.37 0.87 3.19
C LYS A 36 -4.94 -0.22 2.29
N ASP A 37 -4.28 -0.44 1.15
CA ASP A 37 -4.72 -1.46 0.20
C ASP A 37 -4.70 -2.85 0.84
N ASP A 38 -3.66 -3.11 1.62
CA ASP A 38 -3.52 -4.41 2.28
C ASP A 38 -4.60 -4.59 3.35
N GLU A 39 -4.87 -3.52 4.09
CA GLU A 39 -5.88 -3.56 5.14
C GLU A 39 -7.28 -3.65 4.56
N GLU A 40 -7.49 -2.98 3.43
CA GLU A 40 -8.79 -2.99 2.76
C GLU A 40 -9.10 -4.38 2.21
N SER A 41 -8.08 -5.04 1.69
CA SER A 41 -8.26 -6.38 1.12
C SER A 41 -8.59 -7.39 2.22
N LYS A 42 -8.04 -7.16 3.40
CA LYS A 42 -8.29 -8.06 4.53
C LYS A 42 -9.70 -7.90 5.07
N GLY A 43 -10.32 -6.76 4.78
CA GLY A 43 -11.67 -6.50 5.25
C GLY A 43 -11.77 -5.23 6.06
N GLU A 44 -10.73 -4.92 6.82
CA GLU A 44 -10.71 -3.72 7.65
C GLU A 44 -11.84 -3.75 8.68
N SER A 45 -11.69 -2.96 9.73
CA SER A 45 -12.69 -2.90 10.78
C SER A 45 -13.82 -1.94 10.41
N GLU A 46 -14.98 -2.48 10.08
CA GLU A 46 -16.12 -1.68 9.69
C GLU A 46 -17.41 -2.51 9.72
N VAL A 47 -18.25 -2.26 10.72
CA VAL A 47 -19.50 -2.98 10.86
C VAL A 47 -20.65 -2.04 11.21
N SER A 48 -21.85 -2.38 10.79
CA SER A 48 -23.03 -1.56 11.06
C SER A 48 -23.96 -2.26 12.06
N PRO A 49 -23.93 -1.83 13.33
CA PRO A 49 -24.78 -2.42 14.38
C PRO A 49 -26.25 -2.12 14.17
N GLN A 50 -27.11 -2.98 14.69
CA GLN A 50 -28.55 -2.81 14.57
C GLN A 50 -29.27 -3.19 15.86
N SER A 1 2.60 -4.34 5.85
CA SER A 1 2.18 -2.98 6.27
C SER A 1 3.36 -2.16 6.74
N ALA A 2 4.18 -2.74 7.61
CA ALA A 2 5.35 -2.06 8.14
C ALA A 2 6.60 -2.40 7.33
N ASP A 3 6.62 -3.60 6.77
CA ASP A 3 7.75 -4.05 5.96
C ASP A 3 7.98 -3.12 4.78
N TYR A 4 6.91 -2.51 4.29
CA TYR A 4 6.99 -1.60 3.16
C TYR A 4 7.94 -0.44 3.45
N SER A 5 7.78 0.17 4.61
CA SER A 5 8.62 1.29 5.01
C SER A 5 10.09 0.88 5.06
N SER A 6 10.35 -0.41 5.24
CA SER A 6 11.70 -0.92 5.30
C SER A 6 12.31 -1.05 3.90
N LEU A 7 11.45 -1.12 2.89
CA LEU A 7 11.90 -1.24 1.51
C LEU A 7 12.33 0.11 0.96
N THR A 8 13.12 0.08 -0.12
CA THR A 8 13.59 1.30 -0.75
C THR A 8 12.51 1.92 -1.61
N VAL A 9 12.76 3.13 -2.10
CA VAL A 9 11.78 3.81 -2.95
C VAL A 9 11.55 3.02 -4.23
N VAL A 10 12.64 2.49 -4.79
CA VAL A 10 12.55 1.69 -6.01
C VAL A 10 11.77 0.41 -5.75
N GLN A 11 12.02 -0.20 -4.59
CA GLN A 11 11.33 -1.42 -4.22
C GLN A 11 9.85 -1.16 -4.01
N LEU A 12 9.55 -0.10 -3.27
CA LEU A 12 8.18 0.29 -3.00
C LEU A 12 7.45 0.65 -4.29
N LYS A 13 8.17 1.33 -5.18
CA LYS A 13 7.59 1.74 -6.46
C LYS A 13 7.28 0.52 -7.32
N ASP A 14 8.12 -0.50 -7.22
CA ASP A 14 7.92 -1.72 -7.99
C ASP A 14 6.68 -2.46 -7.51
N LEU A 15 6.53 -2.56 -6.19
CA LEU A 15 5.38 -3.23 -5.61
C LEU A 15 4.09 -2.51 -5.97
N LEU A 16 4.14 -1.19 -5.98
CA LEU A 16 2.99 -0.38 -6.32
C LEU A 16 2.58 -0.62 -7.77
N THR A 17 3.57 -0.64 -8.66
CA THR A 17 3.31 -0.87 -10.07
C THR A 17 2.62 -2.21 -10.26
N LYS A 18 3.10 -3.22 -9.56
CA LYS A 18 2.52 -4.56 -9.64
C LYS A 18 1.14 -4.58 -9.00
N ARG A 19 0.92 -3.69 -8.03
CA ARG A 19 -0.36 -3.60 -7.35
C ARG A 19 -1.30 -2.59 -8.02
N ASN A 20 -0.79 -1.89 -9.03
CA ASN A 20 -1.58 -0.90 -9.76
C ASN A 20 -1.95 0.28 -8.86
N LEU A 21 -0.97 0.75 -8.09
CA LEU A 21 -1.19 1.87 -7.18
C LEU A 21 -0.44 3.11 -7.66
N SER A 22 -0.76 4.26 -7.08
CA SER A 22 -0.12 5.52 -7.44
C SER A 22 1.26 5.62 -6.80
N VAL A 23 2.28 5.84 -7.64
CA VAL A 23 3.65 5.97 -7.16
C VAL A 23 4.13 7.42 -7.19
N GLY A 24 3.19 8.35 -7.26
CA GLY A 24 3.54 9.75 -7.31
C GLY A 24 3.79 10.34 -5.93
N GLY A 25 3.15 9.77 -4.92
CA GLY A 25 3.31 10.26 -3.56
C GLY A 25 4.70 9.96 -3.01
N LEU A 26 5.04 10.61 -1.89
CA LEU A 26 6.34 10.41 -1.26
C LEU A 26 6.45 9.01 -0.68
N LYS A 27 7.65 8.64 -0.25
CA LYS A 27 7.89 7.32 0.33
C LYS A 27 6.84 6.97 1.38
N ASN A 28 6.53 7.94 2.24
CA ASN A 28 5.54 7.74 3.28
C ASN A 28 4.15 7.53 2.68
N GLU A 29 3.90 8.19 1.55
CA GLU A 29 2.61 8.07 0.86
C GLU A 29 2.48 6.68 0.24
N LEU A 30 3.60 6.17 -0.25
CA LEU A 30 3.64 4.85 -0.88
C LEU A 30 3.42 3.76 0.16
N VAL A 31 4.06 3.91 1.31
CA VAL A 31 3.94 2.93 2.38
C VAL A 31 2.51 2.87 2.90
N GLN A 32 1.92 4.03 3.16
CA GLN A 32 0.56 4.11 3.65
C GLN A 32 -0.43 3.58 2.61
N ARG A 33 -0.13 3.83 1.34
CA ARG A 33 -1.00 3.37 0.26
C ARG A 33 -1.05 1.85 0.23
N LEU A 34 0.12 1.22 0.35
CA LEU A 34 0.20 -0.23 0.36
C LEU A 34 -0.45 -0.78 1.62
N ILE A 35 -0.27 -0.06 2.72
CA ILE A 35 -0.83 -0.44 4.00
C ILE A 35 -2.35 -0.38 3.97
N LYS A 36 -2.88 0.68 3.39
CA LYS A 36 -4.33 0.86 3.28
C LYS A 36 -4.95 -0.21 2.39
N ASP A 37 -4.34 -0.43 1.24
CA ASP A 37 -4.83 -1.43 0.30
C ASP A 37 -4.79 -2.83 0.91
N ASP A 38 -3.73 -3.11 1.66
CA ASP A 38 -3.57 -4.41 2.30
C ASP A 38 -4.57 -4.57 3.45
N GLU A 39 -4.77 -3.51 4.22
CA GLU A 39 -5.70 -3.53 5.34
C GLU A 39 -7.13 -3.59 4.85
N GLU A 40 -7.42 -2.88 3.77
CA GLU A 40 -8.75 -2.84 3.20
C GLU A 40 -9.15 -4.22 2.64
N SER A 41 -8.18 -4.88 2.01
CA SER A 41 -8.41 -6.20 1.44
C SER A 41 -8.66 -7.24 2.53
N LYS A 42 -7.98 -7.06 3.67
CA LYS A 42 -8.13 -7.98 4.79
C LYS A 42 -9.42 -7.74 5.55
N GLY A 43 -9.99 -6.55 5.39
CA GLY A 43 -11.22 -6.21 6.07
C GLY A 43 -11.18 -4.84 6.72
N GLU A 44 -11.92 -4.69 7.82
CA GLU A 44 -11.96 -3.42 8.53
C GLU A 44 -11.10 -3.46 9.78
N SER A 45 -10.50 -2.33 10.13
CA SER A 45 -9.64 -2.25 11.31
C SER A 45 -9.55 -0.81 11.81
N GLU A 46 -10.00 -0.58 13.04
CA GLU A 46 -9.97 0.74 13.64
C GLU A 46 -8.86 0.84 14.68
N VAL A 47 -8.58 -0.26 15.35
CA VAL A 47 -7.55 -0.29 16.37
C VAL A 47 -6.43 -1.26 15.98
N SER A 48 -5.18 -0.85 16.22
CA SER A 48 -4.03 -1.68 15.89
C SER A 48 -3.70 -2.62 17.05
N PRO A 49 -3.54 -2.08 18.26
CA PRO A 49 -3.23 -2.90 19.45
C PRO A 49 -4.20 -4.05 19.64
N GLN A 50 -3.66 -5.20 20.04
CA GLN A 50 -4.48 -6.39 20.26
C GLN A 50 -4.03 -7.15 21.50
N SER A 1 2.61 -4.38 5.76
CA SER A 1 2.17 -3.02 6.20
C SER A 1 3.35 -2.20 6.71
N ALA A 2 4.17 -2.82 7.56
CA ALA A 2 5.33 -2.14 8.11
C ALA A 2 6.59 -2.46 7.31
N ASP A 3 6.63 -3.66 6.74
CA ASP A 3 7.78 -4.09 5.95
C ASP A 3 8.00 -3.16 4.76
N TYR A 4 6.91 -2.56 4.28
CA TYR A 4 6.99 -1.64 3.13
C TYR A 4 7.95 -0.50 3.43
N SER A 5 7.79 0.13 4.58
CA SER A 5 8.65 1.25 4.98
C SER A 5 10.11 0.82 5.02
N SER A 6 10.35 -0.48 5.20
CA SER A 6 11.70 -1.00 5.26
C SER A 6 12.32 -1.13 3.87
N LEU A 7 11.46 -1.17 2.84
CA LEU A 7 11.92 -1.29 1.47
C LEU A 7 12.34 0.07 0.92
N THR A 8 13.19 0.05 -0.10
CA THR A 8 13.67 1.27 -0.73
C THR A 8 12.58 1.90 -1.58
N VAL A 9 12.81 3.13 -2.04
CA VAL A 9 11.85 3.82 -2.88
C VAL A 9 11.61 3.05 -4.16
N VAL A 10 12.69 2.53 -4.74
CA VAL A 10 12.60 1.75 -5.97
C VAL A 10 11.82 0.46 -5.72
N GLN A 11 12.08 -0.17 -4.57
CA GLN A 11 11.39 -1.39 -4.22
C GLN A 11 9.90 -1.13 -4.01
N LEU A 12 9.61 -0.08 -3.26
CA LEU A 12 8.22 0.29 -2.98
C LEU A 12 7.51 0.66 -4.27
N LYS A 13 8.21 1.36 -5.16
CA LYS A 13 7.64 1.77 -6.43
C LYS A 13 7.32 0.56 -7.30
N ASP A 14 8.18 -0.46 -7.22
CA ASP A 14 7.98 -1.68 -7.99
C ASP A 14 6.75 -2.43 -7.52
N LEU A 15 6.60 -2.53 -6.20
CA LEU A 15 5.46 -3.22 -5.62
C LEU A 15 4.16 -2.51 -5.98
N LEU A 16 4.20 -1.18 -5.98
CA LEU A 16 3.03 -0.38 -6.32
C LEU A 16 2.62 -0.62 -7.75
N THR A 17 3.61 -0.63 -8.65
CA THR A 17 3.33 -0.86 -10.07
C THR A 17 2.66 -2.21 -10.26
N LYS A 18 3.18 -3.21 -9.57
CA LYS A 18 2.61 -4.56 -9.64
C LYS A 18 1.24 -4.61 -9.01
N ARG A 19 1.00 -3.72 -8.03
CA ARG A 19 -0.28 -3.67 -7.33
C ARG A 19 -1.23 -2.67 -7.99
N ASN A 20 -0.74 -1.96 -9.00
CA ASN A 20 -1.55 -0.97 -9.71
C ASN A 20 -1.93 0.18 -8.80
N LEU A 21 -0.96 0.67 -8.02
CA LEU A 21 -1.19 1.78 -7.11
C LEU A 21 -0.47 3.04 -7.58
N SER A 22 -0.85 4.18 -6.99
CA SER A 22 -0.23 5.45 -7.36
C SER A 22 1.14 5.61 -6.72
N VAL A 23 2.15 5.82 -7.54
CA VAL A 23 3.51 5.99 -7.05
C VAL A 23 3.97 7.44 -7.11
N GLY A 24 3.01 8.36 -7.22
CA GLY A 24 3.33 9.77 -7.29
C GLY A 24 3.61 10.38 -5.92
N GLY A 25 3.00 9.81 -4.88
CA GLY A 25 3.20 10.31 -3.54
C GLY A 25 4.60 10.03 -3.01
N LEU A 26 4.94 10.67 -1.90
CA LEU A 26 6.25 10.48 -1.28
C LEU A 26 6.40 9.07 -0.72
N LYS A 27 7.62 8.71 -0.34
CA LYS A 27 7.89 7.38 0.21
C LYS A 27 6.87 7.01 1.29
N ASN A 28 6.58 7.96 2.16
CA ASN A 28 5.62 7.75 3.24
C ASN A 28 4.23 7.47 2.67
N GLU A 29 3.91 8.14 1.57
CA GLU A 29 2.62 7.97 0.92
C GLU A 29 2.53 6.59 0.28
N LEU A 30 3.66 6.14 -0.25
CA LEU A 30 3.73 4.83 -0.89
C LEU A 30 3.46 3.73 0.11
N VAL A 31 4.13 3.80 1.26
CA VAL A 31 3.95 2.81 2.31
C VAL A 31 2.53 2.80 2.82
N GLN A 32 1.99 4.00 3.06
CA GLN A 32 0.63 4.15 3.55
C GLN A 32 -0.38 3.64 2.54
N ARG A 33 -0.07 3.82 1.26
CA ARG A 33 -0.95 3.37 0.19
C ARG A 33 -1.04 1.85 0.18
N LEU A 34 0.11 1.20 0.29
CA LEU A 34 0.16 -0.26 0.33
C LEU A 34 -0.48 -0.78 1.60
N ILE A 35 -0.28 -0.03 2.69
CA ILE A 35 -0.83 -0.39 3.99
C ILE A 35 -2.35 -0.30 3.97
N LYS A 36 -2.87 0.75 3.36
CA LYS A 36 -4.32 0.95 3.28
C LYS A 36 -4.97 -0.12 2.41
N ASP A 37 -4.39 -0.35 1.23
CA ASP A 37 -4.91 -1.35 0.31
C ASP A 37 -4.87 -2.75 0.94
N ASP A 38 -3.80 -3.03 1.68
CA ASP A 38 -3.64 -4.32 2.33
C ASP A 38 -4.64 -4.49 3.46
N GLU A 39 -4.85 -3.41 4.21
CA GLU A 39 -5.78 -3.44 5.34
C GLU A 39 -7.22 -3.49 4.84
N GLU A 40 -7.49 -2.83 3.73
CA GLU A 40 -8.82 -2.79 3.16
C GLU A 40 -9.22 -4.18 2.64
N SER A 41 -8.26 -4.88 2.04
CA SER A 41 -8.50 -6.21 1.51
C SER A 41 -8.75 -7.22 2.64
N LYS A 42 -8.09 -7.00 3.77
CA LYS A 42 -8.24 -7.88 4.92
C LYS A 42 -9.51 -7.56 5.71
N GLY A 43 -10.01 -6.35 5.52
CA GLY A 43 -11.22 -5.94 6.23
C GLY A 43 -12.46 -6.64 5.71
N GLU A 44 -12.88 -6.30 4.50
CA GLU A 44 -14.05 -6.90 3.89
C GLU A 44 -13.68 -8.17 3.12
N SER A 45 -14.69 -8.98 2.80
CA SER A 45 -14.46 -10.21 2.06
C SER A 45 -15.78 -10.81 1.59
N GLU A 46 -15.77 -11.41 0.40
CA GLU A 46 -16.97 -12.02 -0.17
C GLU A 46 -16.87 -13.53 -0.14
N VAL A 47 -17.96 -14.19 0.24
CA VAL A 47 -17.99 -15.65 0.31
C VAL A 47 -18.95 -16.22 -0.73
N SER A 48 -20.02 -15.49 -1.02
CA SER A 48 -21.01 -15.93 -1.99
C SER A 48 -20.72 -15.34 -3.38
N PRO A 49 -20.16 -16.15 -4.30
CA PRO A 49 -19.85 -15.69 -5.65
C PRO A 49 -21.10 -15.40 -6.48
N GLN A 50 -20.89 -15.10 -7.75
CA GLN A 50 -22.00 -14.80 -8.66
C GLN A 50 -21.57 -14.96 -10.11
N SER A 1 0.87 -4.27 5.88
CA SER A 1 2.10 -4.46 6.69
C SER A 1 2.97 -3.21 6.71
N ALA A 2 3.90 -3.14 7.65
CA ALA A 2 4.79 -1.99 7.77
C ALA A 2 6.12 -2.24 7.06
N ASP A 3 6.33 -3.47 6.60
CA ASP A 3 7.57 -3.83 5.91
C ASP A 3 7.82 -2.91 4.72
N TYR A 4 6.75 -2.32 4.18
CA TYR A 4 6.87 -1.42 3.04
C TYR A 4 7.85 -0.29 3.32
N SER A 5 7.68 0.35 4.48
CA SER A 5 8.55 1.45 4.87
C SER A 5 10.01 0.99 4.95
N SER A 6 10.21 -0.31 5.14
CA SER A 6 11.56 -0.86 5.23
C SER A 6 12.20 -1.02 3.85
N LEU A 7 11.36 -1.05 2.82
CA LEU A 7 11.84 -1.20 1.45
C LEU A 7 12.26 0.16 0.88
N THR A 8 13.13 0.12 -0.13
CA THR A 8 13.62 1.34 -0.78
C THR A 8 12.52 1.96 -1.65
N VAL A 9 12.79 3.17 -2.13
CA VAL A 9 11.83 3.85 -2.98
C VAL A 9 11.59 3.06 -4.26
N VAL A 10 12.68 2.55 -4.84
CA VAL A 10 12.59 1.76 -6.05
C VAL A 10 11.83 0.47 -5.79
N GLN A 11 12.06 -0.13 -4.63
CA GLN A 11 11.39 -1.37 -4.25
C GLN A 11 9.90 -1.11 -4.05
N LEU A 12 9.58 -0.06 -3.31
CA LEU A 12 8.20 0.31 -3.05
C LEU A 12 7.47 0.63 -4.36
N LYS A 13 8.18 1.27 -5.27
CA LYS A 13 7.60 1.64 -6.56
C LYS A 13 7.27 0.39 -7.38
N ASP A 14 8.18 -0.58 -7.37
CA ASP A 14 7.97 -1.82 -8.09
C ASP A 14 6.74 -2.54 -7.57
N LEU A 15 6.62 -2.62 -6.25
CA LEU A 15 5.50 -3.29 -5.62
C LEU A 15 4.20 -2.59 -5.99
N LEU A 16 4.20 -1.27 -5.93
CA LEU A 16 3.04 -0.48 -6.27
C LEU A 16 2.67 -0.68 -7.74
N THR A 17 3.70 -0.75 -8.58
CA THR A 17 3.50 -0.95 -10.01
C THR A 17 2.75 -2.25 -10.25
N LYS A 18 3.15 -3.30 -9.54
CA LYS A 18 2.52 -4.60 -9.67
C LYS A 18 1.09 -4.56 -9.10
N ARG A 19 0.90 -3.73 -8.08
CA ARG A 19 -0.41 -3.59 -7.45
C ARG A 19 -1.26 -2.52 -8.14
N ASN A 20 -0.70 -1.83 -9.12
CA ASN A 20 -1.41 -0.80 -9.85
C ASN A 20 -1.81 0.35 -8.93
N LEU A 21 -0.87 0.76 -8.07
CA LEU A 21 -1.12 1.85 -7.13
C LEU A 21 -0.40 3.13 -7.57
N SER A 22 -0.77 4.24 -6.96
CA SER A 22 -0.16 5.52 -7.29
C SER A 22 1.23 5.64 -6.65
N VAL A 23 2.24 5.85 -7.49
CA VAL A 23 3.61 5.98 -7.00
C VAL A 23 4.09 7.42 -7.07
N GLY A 24 3.15 8.36 -7.15
CA GLY A 24 3.50 9.77 -7.23
C GLY A 24 3.81 10.37 -5.87
N GLY A 25 3.16 9.84 -4.83
CA GLY A 25 3.39 10.34 -3.49
C GLY A 25 4.76 9.99 -2.95
N LEU A 26 5.14 10.61 -1.83
CA LEU A 26 6.43 10.36 -1.22
C LEU A 26 6.51 8.94 -0.68
N LYS A 27 7.71 8.52 -0.28
CA LYS A 27 7.92 7.19 0.26
C LYS A 27 6.88 6.85 1.32
N ASN A 28 6.66 7.77 2.25
CA ASN A 28 5.69 7.56 3.31
C ASN A 28 4.29 7.37 2.73
N GLU A 29 4.02 8.05 1.61
CA GLU A 29 2.73 7.96 0.96
C GLU A 29 2.58 6.58 0.33
N LEU A 30 3.67 6.06 -0.20
CA LEU A 30 3.67 4.75 -0.82
C LEU A 30 3.41 3.67 0.23
N VAL A 31 3.96 3.88 1.41
CA VAL A 31 3.78 2.94 2.52
C VAL A 31 2.32 2.91 2.98
N GLN A 32 1.75 4.09 3.16
CA GLN A 32 0.37 4.20 3.59
C GLN A 32 -0.57 3.64 2.55
N ARG A 33 -0.23 3.82 1.27
CA ARG A 33 -1.07 3.31 0.18
C ARG A 33 -1.07 1.79 0.19
N LEU A 34 0.11 1.20 0.35
CA LEU A 34 0.23 -0.25 0.40
C LEU A 34 -0.43 -0.79 1.66
N ILE A 35 -0.25 -0.06 2.75
CA ILE A 35 -0.83 -0.43 4.04
C ILE A 35 -2.34 -0.37 3.99
N LYS A 36 -2.87 0.68 3.36
CA LYS A 36 -4.31 0.85 3.25
C LYS A 36 -4.93 -0.24 2.38
N ASP A 37 -4.31 -0.51 1.23
CA ASP A 37 -4.80 -1.53 0.33
C ASP A 37 -4.75 -2.91 0.98
N ASP A 38 -3.69 -3.17 1.73
CA ASP A 38 -3.52 -4.44 2.42
C ASP A 38 -4.51 -4.57 3.58
N GLU A 39 -4.69 -3.48 4.31
CA GLU A 39 -5.61 -3.47 5.44
C GLU A 39 -7.05 -3.52 4.98
N GLU A 40 -7.35 -2.83 3.88
CA GLU A 40 -8.69 -2.81 3.33
C GLU A 40 -9.09 -4.18 2.79
N SER A 41 -8.13 -4.85 2.17
CA SER A 41 -8.38 -6.18 1.60
C SER A 41 -8.56 -7.21 2.70
N LYS A 42 -7.86 -7.02 3.82
CA LYS A 42 -7.95 -7.93 4.94
C LYS A 42 -9.18 -7.65 5.80
N GLY A 43 -9.70 -6.43 5.68
CA GLY A 43 -10.88 -6.05 6.44
C GLY A 43 -11.50 -4.75 5.95
N GLU A 44 -12.82 -4.66 6.07
CA GLU A 44 -13.54 -3.47 5.63
C GLU A 44 -14.89 -3.34 6.34
N SER A 45 -15.18 -2.16 6.86
CA SER A 45 -16.43 -1.92 7.56
C SER A 45 -16.89 -0.48 7.37
N GLU A 46 -18.20 -0.26 7.51
CA GLU A 46 -18.76 1.08 7.36
C GLU A 46 -19.45 1.54 8.64
N VAL A 47 -19.43 2.84 8.89
CA VAL A 47 -20.05 3.40 10.08
C VAL A 47 -19.40 2.85 11.35
N SER A 48 -18.75 3.74 12.10
CA SER A 48 -18.07 3.35 13.34
C SER A 48 -18.87 3.81 14.55
N PRO A 49 -19.17 2.89 15.48
CA PRO A 49 -19.94 3.22 16.70
C PRO A 49 -19.31 4.37 17.47
N GLN A 50 -18.08 4.17 17.94
CA GLN A 50 -17.38 5.20 18.69
C GLN A 50 -16.93 6.34 17.78
N SER A 1 1.89 -5.41 5.22
CA SER A 1 2.88 -5.61 6.31
C SER A 1 3.60 -4.29 6.62
N ALA A 2 4.46 -4.33 7.64
CA ALA A 2 5.21 -3.15 8.04
C ALA A 2 6.58 -3.10 7.38
N ASP A 3 6.94 -4.16 6.66
CA ASP A 3 8.22 -4.23 5.98
C ASP A 3 8.31 -3.19 4.85
N TYR A 4 7.17 -2.62 4.47
CA TYR A 4 7.14 -1.62 3.41
C TYR A 4 8.10 -0.47 3.70
N SER A 5 8.02 0.06 4.92
CA SER A 5 8.89 1.17 5.33
C SER A 5 10.36 0.77 5.25
N SER A 6 10.63 -0.53 5.37
CA SER A 6 11.99 -1.03 5.32
C SER A 6 12.50 -1.10 3.89
N LEU A 7 11.58 -1.13 2.92
CA LEU A 7 11.95 -1.20 1.52
C LEU A 7 12.36 0.18 0.99
N THR A 8 13.19 0.19 -0.04
CA THR A 8 13.66 1.43 -0.64
C THR A 8 12.56 2.07 -1.46
N VAL A 9 12.80 3.30 -1.91
CA VAL A 9 11.82 4.03 -2.72
C VAL A 9 11.53 3.26 -4.00
N VAL A 10 12.60 2.73 -4.61
CA VAL A 10 12.46 1.96 -5.84
C VAL A 10 11.68 0.69 -5.58
N GLN A 11 11.95 0.04 -4.45
CA GLN A 11 11.26 -1.18 -4.08
C GLN A 11 9.77 -0.90 -3.86
N LEU A 12 9.50 0.15 -3.10
CA LEU A 12 8.12 0.55 -2.82
C LEU A 12 7.38 0.87 -4.11
N LYS A 13 8.06 1.57 -5.01
CA LYS A 13 7.47 1.94 -6.29
C LYS A 13 7.13 0.70 -7.11
N ASP A 14 7.99 -0.31 -7.02
CA ASP A 14 7.79 -1.56 -7.74
C ASP A 14 6.54 -2.27 -7.23
N LEU A 15 6.39 -2.32 -5.91
CA LEU A 15 5.24 -2.96 -5.29
C LEU A 15 3.95 -2.26 -5.69
N LEU A 16 4.00 -0.93 -5.77
CA LEU A 16 2.85 -0.15 -6.15
C LEU A 16 2.43 -0.48 -7.59
N THR A 17 3.41 -0.56 -8.48
CA THR A 17 3.13 -0.88 -9.88
C THR A 17 2.45 -2.23 -9.98
N LYS A 18 2.95 -3.20 -9.22
CA LYS A 18 2.39 -4.53 -9.21
C LYS A 18 1.01 -4.54 -8.56
N ARG A 19 0.78 -3.58 -7.65
CA ARG A 19 -0.49 -3.47 -6.96
C ARG A 19 -1.44 -2.50 -7.67
N ASN A 20 -0.95 -1.85 -8.72
CA ASN A 20 -1.75 -0.90 -9.49
C ASN A 20 -2.10 0.33 -8.66
N LEU A 21 -1.11 0.86 -7.94
CA LEU A 21 -1.31 2.04 -7.11
C LEU A 21 -0.50 3.22 -7.65
N SER A 22 -0.95 4.43 -7.33
CA SER A 22 -0.27 5.64 -7.77
C SER A 22 1.16 5.69 -7.24
N VAL A 23 2.12 5.87 -8.15
CA VAL A 23 3.53 5.93 -7.76
C VAL A 23 4.06 7.37 -7.82
N GLY A 24 3.15 8.34 -7.81
CA GLY A 24 3.56 9.73 -7.85
C GLY A 24 3.55 10.40 -6.49
N GLY A 25 3.54 9.58 -5.43
CA GLY A 25 3.54 10.12 -4.09
C GLY A 25 4.87 9.93 -3.38
N LEU A 26 5.03 10.58 -2.24
CA LEU A 26 6.26 10.48 -1.46
C LEU A 26 6.42 9.07 -0.88
N LYS A 27 7.64 8.73 -0.47
CA LYS A 27 7.92 7.41 0.10
C LYS A 27 6.90 7.05 1.16
N ASN A 28 6.64 7.97 2.08
CA ASN A 28 5.67 7.74 3.15
C ASN A 28 4.30 7.43 2.57
N GLU A 29 3.99 8.04 1.44
CA GLU A 29 2.71 7.83 0.78
C GLU A 29 2.65 6.42 0.19
N LEU A 30 3.76 5.98 -0.35
CA LEU A 30 3.84 4.64 -0.94
C LEU A 30 3.57 3.57 0.11
N VAL A 31 4.24 3.71 1.25
CA VAL A 31 4.08 2.76 2.35
C VAL A 31 2.63 2.76 2.84
N GLN A 32 2.09 3.94 3.04
CA GLN A 32 0.71 4.09 3.51
C GLN A 32 -0.27 3.54 2.48
N ARG A 33 0.07 3.70 1.20
CA ARG A 33 -0.79 3.22 0.12
C ARG A 33 -0.90 1.69 0.18
N LEU A 34 0.24 1.03 0.36
CA LEU A 34 0.27 -0.42 0.46
C LEU A 34 -0.43 -0.87 1.74
N ILE A 35 -0.25 -0.07 2.78
CA ILE A 35 -0.86 -0.36 4.08
C ILE A 35 -2.38 -0.26 4.00
N LYS A 36 -2.86 0.80 3.36
CA LYS A 36 -4.30 1.02 3.21
C LYS A 36 -4.92 -0.07 2.33
N ASP A 37 -4.30 -0.32 1.19
CA ASP A 37 -4.79 -1.33 0.25
C ASP A 37 -4.80 -2.71 0.91
N ASP A 38 -3.80 -2.97 1.74
CA ASP A 38 -3.69 -4.25 2.43
C ASP A 38 -4.81 -4.42 3.46
N GLU A 39 -5.10 -3.34 4.17
CA GLU A 39 -6.14 -3.34 5.19
C GLU A 39 -7.51 -3.51 4.56
N GLU A 40 -7.69 -2.93 3.38
CA GLU A 40 -8.96 -3.02 2.66
C GLU A 40 -9.24 -4.44 2.22
N SER A 41 -8.20 -5.14 1.79
CA SER A 41 -8.33 -6.52 1.33
C SER A 41 -8.71 -7.44 2.48
N LYS A 42 -8.22 -7.10 3.68
CA LYS A 42 -8.51 -7.91 4.86
C LYS A 42 -9.96 -7.73 5.32
N GLY A 43 -10.58 -6.63 4.90
CA GLY A 43 -11.95 -6.36 5.27
C GLY A 43 -12.80 -5.96 4.09
N GLU A 44 -13.90 -5.26 4.35
CA GLU A 44 -14.80 -4.81 3.30
C GLU A 44 -15.51 -3.52 3.70
N SER A 45 -16.01 -3.48 4.92
CA SER A 45 -16.71 -2.31 5.43
C SER A 45 -15.79 -1.47 6.31
N GLU A 46 -16.16 -0.21 6.52
CA GLU A 46 -15.38 0.70 7.34
C GLU A 46 -15.89 0.71 8.78
N VAL A 47 -15.38 -0.19 9.59
CA VAL A 47 -15.78 -0.29 10.99
C VAL A 47 -14.59 -0.65 11.88
N SER A 48 -13.88 0.38 12.35
CA SER A 48 -12.73 0.18 13.21
C SER A 48 -13.02 0.66 14.63
N PRO A 49 -13.54 -0.22 15.50
CA PRO A 49 -13.86 0.13 16.89
C PRO A 49 -12.61 0.37 17.73
N GLN A 50 -12.80 0.85 18.95
CA GLN A 50 -11.70 1.13 19.85
C GLN A 50 -11.10 -0.18 20.39
N SER A 1 2.67 -4.58 5.38
CA SER A 1 2.22 -3.27 5.92
C SER A 1 3.38 -2.49 6.51
N ALA A 2 4.18 -3.15 7.33
CA ALA A 2 5.32 -2.51 7.97
C ALA A 2 6.61 -2.77 7.17
N ASP A 3 6.66 -3.91 6.49
CA ASP A 3 7.82 -4.28 5.70
C ASP A 3 8.06 -3.27 4.57
N TYR A 4 6.99 -2.65 4.11
CA TYR A 4 7.08 -1.67 3.04
C TYR A 4 8.04 -0.54 3.40
N SER A 5 7.86 0.02 4.60
CA SER A 5 8.72 1.11 5.07
C SER A 5 10.19 0.68 5.08
N SER A 6 10.43 -0.62 5.22
CA SER A 6 11.78 -1.14 5.24
C SER A 6 12.38 -1.21 3.84
N LEU A 7 11.52 -1.23 2.83
CA LEU A 7 11.97 -1.29 1.44
C LEU A 7 12.38 0.08 0.93
N THR A 8 13.24 0.10 -0.07
CA THR A 8 13.71 1.35 -0.66
C THR A 8 12.63 1.98 -1.52
N VAL A 9 12.86 3.21 -1.96
CA VAL A 9 11.90 3.92 -2.81
C VAL A 9 11.68 3.16 -4.11
N VAL A 10 12.78 2.65 -4.68
CA VAL A 10 12.71 1.89 -5.91
C VAL A 10 11.94 0.59 -5.69
N GLN A 11 12.19 -0.05 -4.55
CA GLN A 11 11.52 -1.30 -4.22
C GLN A 11 10.03 -1.05 -4.02
N LEU A 12 9.71 0.00 -3.27
CA LEU A 12 8.32 0.35 -2.99
C LEU A 12 7.59 0.71 -4.29
N LYS A 13 8.30 1.38 -5.18
CA LYS A 13 7.74 1.79 -6.47
C LYS A 13 7.40 0.57 -7.32
N ASP A 14 8.29 -0.41 -7.31
CA ASP A 14 8.09 -1.64 -8.08
C ASP A 14 6.86 -2.39 -7.58
N LEU A 15 6.77 -2.53 -6.25
CA LEU A 15 5.64 -3.23 -5.65
C LEU A 15 4.33 -2.52 -5.97
N LEU A 16 4.37 -1.19 -5.98
CA LEU A 16 3.20 -0.38 -6.28
C LEU A 16 2.72 -0.65 -7.70
N THR A 17 3.66 -0.65 -8.64
CA THR A 17 3.33 -0.89 -10.04
C THR A 17 2.67 -2.25 -10.19
N LYS A 18 3.22 -3.25 -9.50
CA LYS A 18 2.67 -4.60 -9.54
C LYS A 18 1.32 -4.66 -8.84
N ARG A 19 1.12 -3.76 -7.88
CA ARG A 19 -0.14 -3.70 -7.13
C ARG A 19 -1.12 -2.71 -7.77
N ASN A 20 -0.68 -2.01 -8.80
CA ASN A 20 -1.54 -1.05 -9.49
C ASN A 20 -1.94 0.09 -8.55
N LEU A 21 -0.97 0.60 -7.78
CA LEU A 21 -1.22 1.68 -6.84
C LEU A 21 -0.59 2.97 -7.33
N SER A 22 -1.00 4.10 -6.74
CA SER A 22 -0.48 5.41 -7.11
C SER A 22 0.99 5.54 -6.70
N VAL A 23 1.85 5.75 -7.68
CA VAL A 23 3.29 5.89 -7.43
C VAL A 23 3.74 7.34 -7.58
N GLY A 24 2.79 8.26 -7.51
CA GLY A 24 3.12 9.67 -7.62
C GLY A 24 3.16 10.39 -6.29
N GLY A 25 3.19 9.62 -5.20
CA GLY A 25 3.23 10.22 -3.88
C GLY A 25 4.59 10.04 -3.21
N LEU A 26 4.76 10.68 -2.05
CA LEU A 26 6.02 10.59 -1.32
C LEU A 26 6.22 9.18 -0.76
N LYS A 27 7.45 8.86 -0.37
CA LYS A 27 7.77 7.55 0.17
C LYS A 27 6.76 7.14 1.24
N ASN A 28 6.55 8.01 2.21
CA ASN A 28 5.60 7.74 3.29
C ASN A 28 4.21 7.48 2.72
N GLU A 29 3.89 8.16 1.63
CA GLU A 29 2.60 7.99 0.99
C GLU A 29 2.50 6.61 0.37
N LEU A 30 3.61 6.12 -0.16
CA LEU A 30 3.67 4.81 -0.77
C LEU A 30 3.42 3.72 0.26
N VAL A 31 4.10 3.82 1.40
CA VAL A 31 3.96 2.84 2.47
C VAL A 31 2.53 2.79 2.98
N GLN A 32 1.97 3.96 3.26
CA GLN A 32 0.60 4.04 3.75
C GLN A 32 -0.39 3.55 2.71
N ARG A 33 -0.08 3.77 1.44
CA ARG A 33 -0.95 3.35 0.34
C ARG A 33 -1.02 1.82 0.30
N LEU A 34 0.14 1.18 0.41
CA LEU A 34 0.20 -0.27 0.40
C LEU A 34 -0.46 -0.83 1.66
N ILE A 35 -0.24 -0.13 2.77
CA ILE A 35 -0.81 -0.53 4.04
C ILE A 35 -2.33 -0.41 4.03
N LYS A 36 -2.82 0.68 3.45
CA LYS A 36 -4.27 0.92 3.36
C LYS A 36 -4.92 -0.11 2.45
N ASP A 37 -4.32 -0.35 1.30
CA ASP A 37 -4.86 -1.31 0.34
C ASP A 37 -4.92 -2.70 0.95
N ASP A 38 -3.86 -3.08 1.65
CA ASP A 38 -3.80 -4.40 2.29
C ASP A 38 -4.83 -4.51 3.41
N GLU A 39 -4.96 -3.44 4.19
CA GLU A 39 -5.91 -3.41 5.30
C GLU A 39 -7.35 -3.36 4.79
N GLU A 40 -7.57 -2.55 3.76
CA GLU A 40 -8.90 -2.41 3.18
C GLU A 40 -9.34 -3.70 2.50
N SER A 41 -8.40 -4.35 1.83
CA SER A 41 -8.69 -5.60 1.13
C SER A 41 -8.94 -6.73 2.12
N LYS A 42 -8.24 -6.68 3.26
CA LYS A 42 -8.38 -7.69 4.29
C LYS A 42 -9.54 -7.37 5.23
N GLY A 43 -9.93 -6.10 5.28
CA GLY A 43 -11.01 -5.68 6.14
C GLY A 43 -10.55 -5.35 7.54
N GLU A 44 -10.93 -4.17 8.03
CA GLU A 44 -10.55 -3.72 9.36
C GLU A 44 -11.75 -3.74 10.30
N SER A 45 -12.93 -3.51 9.74
CA SER A 45 -14.15 -3.49 10.54
C SER A 45 -15.39 -3.56 9.63
N GLU A 46 -15.36 -2.78 8.56
CA GLU A 46 -16.47 -2.74 7.62
C GLU A 46 -16.06 -3.34 6.27
N VAL A 47 -16.84 -4.31 5.81
CA VAL A 47 -16.56 -4.97 4.54
C VAL A 47 -17.62 -4.63 3.49
N SER A 48 -17.18 -4.44 2.25
CA SER A 48 -18.09 -4.09 1.16
C SER A 48 -18.64 -5.36 0.49
N PRO A 49 -19.92 -5.70 0.73
CA PRO A 49 -20.54 -6.89 0.15
C PRO A 49 -20.72 -6.76 -1.36
N GLN A 50 -20.54 -7.88 -2.07
CA GLN A 50 -20.68 -7.89 -3.52
C GLN A 50 -20.82 -9.32 -4.04
N SER A 1 0.87 -3.45 6.38
CA SER A 1 2.20 -3.91 6.86
C SER A 1 3.19 -2.74 6.94
N ALA A 2 4.17 -2.87 7.82
CA ALA A 2 5.17 -1.83 7.99
C ALA A 2 6.45 -2.14 7.19
N ASP A 3 6.56 -3.38 6.70
CA ASP A 3 7.72 -3.79 5.92
C ASP A 3 7.98 -2.84 4.77
N TYR A 4 6.91 -2.28 4.21
CA TYR A 4 7.02 -1.34 3.09
C TYR A 4 7.97 -0.19 3.42
N SER A 5 7.74 0.42 4.58
CA SER A 5 8.57 1.55 5.02
C SER A 5 10.04 1.15 5.09
N SER A 6 10.29 -0.15 5.23
CA SER A 6 11.66 -0.66 5.31
C SER A 6 12.27 -0.84 3.93
N LEU A 7 11.42 -0.95 2.91
CA LEU A 7 11.88 -1.14 1.55
C LEU A 7 12.34 0.19 0.94
N THR A 8 13.11 0.10 -0.13
CA THR A 8 13.62 1.30 -0.81
C THR A 8 12.54 1.89 -1.71
N VAL A 9 12.81 3.09 -2.23
CA VAL A 9 11.86 3.75 -3.11
C VAL A 9 11.64 2.91 -4.37
N VAL A 10 12.72 2.35 -4.89
CA VAL A 10 12.63 1.52 -6.08
C VAL A 10 11.83 0.25 -5.79
N GLN A 11 12.05 -0.32 -4.60
CA GLN A 11 11.35 -1.52 -4.19
C GLN A 11 9.86 -1.23 -4.02
N LEU A 12 9.56 -0.14 -3.31
CA LEU A 12 8.18 0.27 -3.09
C LEU A 12 7.50 0.60 -4.41
N LYS A 13 8.24 1.24 -5.31
CA LYS A 13 7.71 1.60 -6.61
C LYS A 13 7.37 0.37 -7.43
N ASP A 14 8.20 -0.67 -7.32
CA ASP A 14 7.97 -1.91 -8.04
C ASP A 14 6.70 -2.59 -7.55
N LEU A 15 6.55 -2.68 -6.23
CA LEU A 15 5.39 -3.30 -5.63
C LEU A 15 4.12 -2.55 -6.00
N LEU A 16 4.23 -1.22 -6.04
CA LEU A 16 3.09 -0.37 -6.40
C LEU A 16 2.67 -0.63 -7.84
N THR A 17 3.66 -0.72 -8.73
CA THR A 17 3.38 -0.96 -10.14
C THR A 17 2.64 -2.27 -10.30
N LYS A 18 3.09 -3.29 -9.58
CA LYS A 18 2.45 -4.60 -9.63
C LYS A 18 1.07 -4.56 -8.99
N ARG A 19 0.89 -3.64 -8.04
CA ARG A 19 -0.40 -3.49 -7.36
C ARG A 19 -1.29 -2.45 -8.05
N ASN A 20 -0.75 -1.80 -9.07
CA ASN A 20 -1.50 -0.79 -9.81
C ASN A 20 -1.88 0.38 -8.91
N LEU A 21 -0.92 0.82 -8.09
CA LEU A 21 -1.15 1.93 -7.18
C LEU A 21 -0.42 3.19 -7.65
N SER A 22 -0.76 4.33 -7.05
CA SER A 22 -0.14 5.60 -7.41
C SER A 22 1.20 5.77 -6.69
N VAL A 23 2.26 5.99 -7.45
CA VAL A 23 3.58 6.17 -6.89
C VAL A 23 4.02 7.63 -6.96
N GLY A 24 3.06 8.54 -7.11
CA GLY A 24 3.37 9.95 -7.19
C GLY A 24 3.70 10.55 -5.83
N GLY A 25 3.15 9.95 -4.78
CA GLY A 25 3.40 10.45 -3.44
C GLY A 25 4.78 10.09 -2.92
N LEU A 26 5.16 10.67 -1.79
CA LEU A 26 6.46 10.40 -1.20
C LEU A 26 6.53 8.96 -0.69
N LYS A 27 7.74 8.53 -0.31
CA LYS A 27 7.94 7.17 0.20
C LYS A 27 6.91 6.82 1.26
N ASN A 28 6.71 7.72 2.22
CA ASN A 28 5.75 7.50 3.28
C ASN A 28 4.34 7.32 2.71
N GLU A 29 4.05 8.01 1.61
CA GLU A 29 2.76 7.91 0.96
C GLU A 29 2.60 6.54 0.32
N LEU A 30 3.69 6.01 -0.20
CA LEU A 30 3.69 4.70 -0.82
C LEU A 30 3.42 3.63 0.23
N VAL A 31 3.99 3.82 1.41
CA VAL A 31 3.82 2.88 2.51
C VAL A 31 2.37 2.84 2.97
N GLN A 32 1.79 4.03 3.17
CA GLN A 32 0.41 4.13 3.60
C GLN A 32 -0.53 3.56 2.55
N ARG A 33 -0.20 3.77 1.28
CA ARG A 33 -1.02 3.27 0.18
C ARG A 33 -1.05 1.75 0.20
N LEU A 34 0.11 1.14 0.37
CA LEU A 34 0.21 -0.32 0.42
C LEU A 34 -0.47 -0.83 1.68
N ILE A 35 -0.33 -0.08 2.77
CA ILE A 35 -0.93 -0.43 4.04
C ILE A 35 -2.45 -0.40 3.96
N LYS A 36 -2.97 0.65 3.30
CA LYS A 36 -4.41 0.80 3.15
C LYS A 36 -5.00 -0.31 2.29
N ASP A 37 -4.30 -0.62 1.19
CA ASP A 37 -4.75 -1.67 0.28
C ASP A 37 -4.76 -3.03 0.97
N ASP A 38 -3.73 -3.28 1.78
CA ASP A 38 -3.62 -4.54 2.49
C ASP A 38 -4.66 -4.63 3.61
N GLU A 39 -4.87 -3.52 4.31
CA GLU A 39 -5.84 -3.47 5.40
C GLU A 39 -7.26 -3.52 4.85
N GLU A 40 -7.48 -2.89 3.71
CA GLU A 40 -8.80 -2.86 3.09
C GLU A 40 -9.20 -4.24 2.60
N SER A 41 -8.24 -4.99 2.07
CA SER A 41 -8.48 -6.33 1.57
C SER A 41 -8.78 -7.29 2.71
N LYS A 42 -8.16 -7.03 3.87
CA LYS A 42 -8.35 -7.87 5.04
C LYS A 42 -9.60 -7.46 5.82
N GLY A 43 -10.04 -6.22 5.61
CA GLY A 43 -11.22 -5.73 6.30
C GLY A 43 -12.35 -5.38 5.35
N GLU A 44 -13.41 -6.17 5.37
CA GLU A 44 -14.56 -5.93 4.51
C GLU A 44 -15.84 -6.46 5.15
N SER A 45 -16.86 -5.60 5.23
CA SER A 45 -18.14 -5.98 5.82
C SER A 45 -19.30 -5.51 4.95
N GLU A 46 -19.05 -5.36 3.65
CA GLU A 46 -20.08 -4.92 2.72
C GLU A 46 -20.63 -3.55 3.12
N VAL A 47 -20.25 -2.52 2.38
CA VAL A 47 -20.71 -1.17 2.66
C VAL A 47 -21.87 -0.78 1.75
N SER A 48 -22.89 -0.17 2.33
CA SER A 48 -24.06 0.26 1.56
C SER A 48 -23.99 1.75 1.22
N PRO A 49 -24.25 2.11 -0.05
CA PRO A 49 -24.21 3.51 -0.49
C PRO A 49 -25.42 4.31 0.00
N GLN A 50 -25.16 5.55 0.40
CA GLN A 50 -26.23 6.42 0.88
C GLN A 50 -26.92 5.81 2.09
N SER A 1 2.61 -4.34 5.84
CA SER A 1 2.14 -3.03 6.33
C SER A 1 3.29 -2.16 6.80
N ALA A 2 4.15 -2.72 7.65
CA ALA A 2 5.30 -1.99 8.17
C ALA A 2 6.55 -2.30 7.35
N ASP A 3 6.61 -3.49 6.79
CA ASP A 3 7.76 -3.91 5.98
C ASP A 3 7.96 -2.97 4.80
N TYR A 4 6.86 -2.40 4.31
CA TYR A 4 6.91 -1.48 3.17
C TYR A 4 7.87 -0.32 3.44
N SER A 5 7.73 0.30 4.61
CA SER A 5 8.58 1.42 5.00
C SER A 5 10.04 1.01 5.01
N SER A 6 10.30 -0.27 5.22
CA SER A 6 11.67 -0.78 5.26
C SER A 6 12.24 -0.94 3.86
N LEU A 7 11.36 -1.03 2.86
CA LEU A 7 11.79 -1.19 1.47
C LEU A 7 12.23 0.16 0.89
N THR A 8 13.09 0.09 -0.13
CA THR A 8 13.59 1.30 -0.77
C THR A 8 12.52 1.93 -1.65
N VAL A 9 12.79 3.13 -2.14
CA VAL A 9 11.84 3.83 -3.00
C VAL A 9 11.56 3.02 -4.26
N VAL A 10 12.63 2.46 -4.83
CA VAL A 10 12.50 1.66 -6.03
C VAL A 10 11.71 0.39 -5.74
N GLN A 11 11.96 -0.20 -4.58
CA GLN A 11 11.25 -1.41 -4.18
C GLN A 11 9.78 -1.11 -3.96
N LEU A 12 9.50 -0.02 -3.25
CA LEU A 12 8.12 0.38 -2.98
C LEU A 12 7.39 0.70 -4.28
N LYS A 13 8.09 1.38 -5.19
CA LYS A 13 7.51 1.74 -6.47
C LYS A 13 7.21 0.50 -7.31
N ASP A 14 8.06 -0.51 -7.18
CA ASP A 14 7.88 -1.77 -7.91
C ASP A 14 6.61 -2.47 -7.44
N LEU A 15 6.46 -2.58 -6.12
CA LEU A 15 5.30 -3.22 -5.54
C LEU A 15 4.02 -2.49 -5.94
N LEU A 16 4.10 -1.17 -5.97
CA LEU A 16 2.96 -0.34 -6.34
C LEU A 16 2.55 -0.61 -7.78
N THR A 17 3.54 -0.67 -8.67
CA THR A 17 3.28 -0.93 -10.08
C THR A 17 2.57 -2.27 -10.24
N LYS A 18 3.06 -3.27 -9.52
CA LYS A 18 2.46 -4.61 -9.57
C LYS A 18 1.08 -4.61 -8.94
N ARG A 19 0.87 -3.69 -7.98
CA ARG A 19 -0.41 -3.59 -7.30
C ARG A 19 -1.34 -2.58 -7.97
N ASN A 20 -0.83 -1.90 -9.00
CA ASN A 20 -1.63 -0.91 -9.72
C ASN A 20 -1.97 0.28 -8.83
N LEU A 21 -0.98 0.75 -8.08
CA LEU A 21 -1.18 1.88 -7.17
C LEU A 21 -0.38 3.09 -7.63
N SER A 22 -0.82 4.28 -7.23
CA SER A 22 -0.14 5.52 -7.60
C SER A 22 1.18 5.66 -6.84
N VAL A 23 2.26 5.88 -7.59
CA VAL A 23 3.58 6.04 -6.99
C VAL A 23 4.04 7.49 -7.01
N GLY A 24 3.08 8.41 -7.18
CA GLY A 24 3.41 9.82 -7.22
C GLY A 24 3.71 10.39 -5.84
N GLY A 25 3.11 9.79 -4.81
CA GLY A 25 3.33 10.25 -3.45
C GLY A 25 4.72 9.95 -2.95
N LEU A 26 5.11 10.58 -1.85
CA LEU A 26 6.42 10.38 -1.26
C LEU A 26 6.55 8.96 -0.70
N LYS A 27 7.77 8.61 -0.28
CA LYS A 27 8.03 7.28 0.26
C LYS A 27 6.99 6.91 1.32
N ASN A 28 6.75 7.82 2.26
CA ASN A 28 5.78 7.59 3.32
C ASN A 28 4.39 7.38 2.73
N GLU A 29 4.10 8.08 1.63
CA GLU A 29 2.81 7.97 0.96
C GLU A 29 2.68 6.60 0.32
N LEU A 30 3.79 6.08 -0.19
CA LEU A 30 3.80 4.78 -0.82
C LEU A 30 3.53 3.70 0.22
N VAL A 31 4.11 3.87 1.41
CA VAL A 31 3.94 2.92 2.50
C VAL A 31 2.48 2.87 2.94
N GLN A 32 1.90 4.05 3.14
CA GLN A 32 0.51 4.15 3.58
C GLN A 32 -0.43 3.58 2.51
N ARG A 33 -0.08 3.79 1.24
CA ARG A 33 -0.89 3.30 0.14
C ARG A 33 -0.93 1.77 0.16
N LEU A 34 0.23 1.16 0.34
CA LEU A 34 0.32 -0.30 0.39
C LEU A 34 -0.38 -0.81 1.64
N ILE A 35 -0.25 -0.06 2.73
CA ILE A 35 -0.86 -0.42 4.00
C ILE A 35 -2.39 -0.36 3.89
N LYS A 36 -2.90 0.68 3.23
CA LYS A 36 -4.34 0.84 3.06
C LYS A 36 -4.91 -0.27 2.19
N ASP A 37 -4.21 -0.59 1.11
CA ASP A 37 -4.64 -1.64 0.20
C ASP A 37 -4.66 -2.99 0.89
N ASP A 38 -3.65 -3.25 1.71
CA ASP A 38 -3.54 -4.51 2.43
C ASP A 38 -4.60 -4.60 3.54
N GLU A 39 -4.82 -3.49 4.23
CA GLU A 39 -5.80 -3.44 5.30
C GLU A 39 -7.22 -3.50 4.74
N GLU A 40 -7.42 -2.85 3.61
CA GLU A 40 -8.74 -2.82 2.96
C GLU A 40 -9.12 -4.22 2.47
N SER A 41 -8.15 -4.94 1.94
CA SER A 41 -8.38 -6.28 1.42
C SER A 41 -8.66 -7.26 2.57
N LYS A 42 -8.05 -7.01 3.72
CA LYS A 42 -8.23 -7.86 4.88
C LYS A 42 -9.46 -7.44 5.69
N GLY A 43 -9.89 -6.19 5.51
CA GLY A 43 -11.04 -5.69 6.23
C GLY A 43 -12.34 -6.22 5.68
N GLU A 44 -13.36 -6.30 6.54
CA GLU A 44 -14.67 -6.80 6.13
C GLU A 44 -15.78 -5.94 6.72
N SER A 45 -17.01 -6.16 6.25
CA SER A 45 -18.16 -5.40 6.73
C SER A 45 -18.82 -6.11 7.90
N GLU A 46 -19.01 -7.41 7.77
CA GLU A 46 -19.63 -8.22 8.82
C GLU A 46 -21.01 -7.67 9.17
N VAL A 47 -22.05 -8.34 8.69
CA VAL A 47 -23.42 -7.91 8.97
C VAL A 47 -23.78 -8.14 10.43
N SER A 48 -24.94 -7.62 10.83
CA SER A 48 -25.41 -7.77 12.20
C SER A 48 -26.85 -7.31 12.35
N PRO A 49 -27.16 -6.04 11.99
CA PRO A 49 -28.52 -5.50 12.07
C PRO A 49 -29.53 -6.34 11.31
N GLN A 50 -29.21 -6.65 10.05
CA GLN A 50 -30.09 -7.46 9.22
C GLN A 50 -29.54 -8.87 9.05
N SER A 1 0.90 -3.36 5.97
CA SER A 1 2.18 -3.94 6.46
C SER A 1 3.21 -2.86 6.73
N ALA A 2 4.16 -3.15 7.62
CA ALA A 2 5.20 -2.20 7.96
C ALA A 2 6.47 -2.44 7.15
N ASP A 3 6.63 -3.66 6.64
CA ASP A 3 7.80 -4.02 5.85
C ASP A 3 8.04 -3.04 4.72
N TYR A 4 6.96 -2.48 4.17
CA TYR A 4 7.06 -1.53 3.07
C TYR A 4 7.97 -0.35 3.44
N SER A 5 7.76 0.19 4.64
CA SER A 5 8.56 1.31 5.12
C SER A 5 10.04 0.95 5.16
N SER A 6 10.34 -0.34 5.24
CA SER A 6 11.72 -0.81 5.29
C SER A 6 12.31 -0.96 3.89
N LEU A 7 11.44 -1.07 2.89
CA LEU A 7 11.90 -1.22 1.51
C LEU A 7 12.32 0.12 0.93
N THR A 8 13.17 0.08 -0.09
CA THR A 8 13.65 1.29 -0.75
C THR A 8 12.55 1.91 -1.61
N VAL A 9 12.80 3.12 -2.09
CA VAL A 9 11.82 3.80 -2.94
C VAL A 9 11.58 3.00 -4.21
N VAL A 10 12.66 2.46 -4.78
CA VAL A 10 12.55 1.65 -5.99
C VAL A 10 11.77 0.38 -5.72
N GLN A 11 12.02 -0.23 -4.57
CA GLN A 11 11.32 -1.45 -4.18
C GLN A 11 9.84 -1.17 -3.98
N LEU A 12 9.55 -0.09 -3.24
CA LEU A 12 8.18 0.30 -2.98
C LEU A 12 7.46 0.64 -4.27
N LYS A 13 8.16 1.34 -5.16
CA LYS A 13 7.59 1.73 -6.44
C LYS A 13 7.28 0.52 -7.29
N ASP A 14 8.12 -0.52 -7.18
CA ASP A 14 7.92 -1.75 -7.93
C ASP A 14 6.66 -2.47 -7.46
N LEU A 15 6.51 -2.59 -6.14
CA LEU A 15 5.36 -3.25 -5.57
C LEU A 15 4.07 -2.51 -5.94
N LEU A 16 4.14 -1.18 -5.94
CA LEU A 16 2.98 -0.37 -6.29
C LEU A 16 2.59 -0.60 -7.74
N THR A 17 3.58 -0.65 -8.62
CA THR A 17 3.31 -0.88 -10.04
C THR A 17 2.59 -2.21 -10.22
N LYS A 18 3.07 -3.22 -9.52
CA LYS A 18 2.48 -4.55 -9.59
C LYS A 18 1.08 -4.55 -8.96
N ARG A 19 0.87 -3.65 -8.00
CA ARG A 19 -0.41 -3.56 -7.32
C ARG A 19 -1.33 -2.53 -8.00
N ASN A 20 -0.81 -1.84 -9.01
CA ASN A 20 -1.58 -0.84 -9.74
C ASN A 20 -1.93 0.34 -8.84
N LEU A 21 -0.96 0.79 -8.06
CA LEU A 21 -1.16 1.93 -7.15
C LEU A 21 -0.32 3.12 -7.57
N SER A 22 -0.83 4.33 -7.32
CA SER A 22 -0.13 5.55 -7.67
C SER A 22 1.20 5.66 -6.92
N VAL A 23 2.28 5.84 -7.67
CA VAL A 23 3.60 5.96 -7.08
C VAL A 23 4.10 7.40 -7.12
N GLY A 24 3.18 8.35 -7.28
CA GLY A 24 3.55 9.74 -7.33
C GLY A 24 3.80 10.33 -5.95
N GLY A 25 3.15 9.75 -4.93
CA GLY A 25 3.31 10.24 -3.59
C GLY A 25 4.69 9.95 -3.02
N LEU A 26 5.02 10.60 -1.91
CA LEU A 26 6.32 10.41 -1.26
C LEU A 26 6.44 9.00 -0.69
N LYS A 27 7.65 8.63 -0.29
CA LYS A 27 7.90 7.31 0.29
C LYS A 27 6.88 6.98 1.37
N ASN A 28 6.58 7.96 2.21
CA ASN A 28 5.60 7.77 3.28
C ASN A 28 4.21 7.50 2.71
N GLU A 29 3.89 8.18 1.62
CA GLU A 29 2.60 8.01 0.97
C GLU A 29 2.52 6.63 0.32
N LEU A 30 3.64 6.18 -0.22
CA LEU A 30 3.71 4.87 -0.86
C LEU A 30 3.44 3.77 0.15
N VAL A 31 4.09 3.85 1.30
CA VAL A 31 3.92 2.86 2.35
C VAL A 31 2.49 2.85 2.86
N GLN A 32 1.95 4.04 3.08
CA GLN A 32 0.58 4.18 3.57
C GLN A 32 -0.41 3.66 2.54
N ARG A 33 -0.10 3.84 1.27
CA ARG A 33 -0.96 3.36 0.19
C ARG A 33 -1.02 1.84 0.20
N LEU A 34 0.13 1.21 0.32
CA LEU A 34 0.20 -0.25 0.35
C LEU A 34 -0.45 -0.76 1.63
N ILE A 35 -0.27 -0.01 2.71
CA ILE A 35 -0.83 -0.37 4.00
C ILE A 35 -2.36 -0.31 3.97
N LYS A 36 -2.89 0.73 3.34
CA LYS A 36 -4.33 0.90 3.24
C LYS A 36 -4.94 -0.19 2.37
N ASP A 37 -4.30 -0.48 1.24
CA ASP A 37 -4.77 -1.51 0.33
C ASP A 37 -4.74 -2.89 0.98
N ASP A 38 -3.70 -3.14 1.77
CA ASP A 38 -3.55 -4.41 2.46
C ASP A 38 -4.60 -4.56 3.56
N GLU A 39 -4.83 -3.48 4.29
CA GLU A 39 -5.80 -3.47 5.37
C GLU A 39 -7.22 -3.56 4.83
N GLU A 40 -7.46 -2.91 3.70
CA GLU A 40 -8.77 -2.90 3.08
C GLU A 40 -9.14 -4.30 2.56
N SER A 41 -8.16 -4.99 2.03
CA SER A 41 -8.37 -6.34 1.50
C SER A 41 -8.65 -7.32 2.63
N LYS A 42 -8.03 -7.08 3.78
CA LYS A 42 -8.20 -7.95 4.94
C LYS A 42 -9.56 -7.71 5.60
N GLY A 43 -10.15 -6.55 5.35
CA GLY A 43 -11.43 -6.23 5.93
C GLY A 43 -11.35 -5.11 6.95
N GLU A 44 -12.50 -4.65 7.42
CA GLU A 44 -12.55 -3.59 8.41
C GLU A 44 -13.63 -3.85 9.47
N SER A 45 -13.31 -3.58 10.73
CA SER A 45 -14.24 -3.79 11.82
C SER A 45 -14.76 -2.47 12.36
N GLU A 46 -16.08 -2.33 12.41
CA GLU A 46 -16.70 -1.10 12.92
C GLU A 46 -17.94 -1.43 13.75
N VAL A 47 -17.93 -0.99 15.01
CA VAL A 47 -19.06 -1.23 15.90
C VAL A 47 -19.18 -0.11 16.93
N SER A 48 -20.41 0.36 17.12
CA SER A 48 -20.67 1.43 18.08
C SER A 48 -19.92 2.70 17.69
N PRO A 49 -20.43 3.88 18.11
CA PRO A 49 -19.82 5.17 17.80
C PRO A 49 -18.34 5.20 18.17
N GLN A 50 -18.06 5.02 19.46
CA GLN A 50 -16.68 5.04 19.95
C GLN A 50 -16.00 3.70 19.69
N SER A 1 2.60 -4.31 5.78
CA SER A 1 2.13 -2.97 6.21
C SER A 1 3.29 -2.09 6.66
N ALA A 2 4.13 -2.62 7.53
CA ALA A 2 5.27 -1.89 8.05
C ALA A 2 6.54 -2.23 7.26
N ASP A 3 6.59 -3.45 6.74
CA ASP A 3 7.75 -3.90 5.96
C ASP A 3 7.98 -3.00 4.75
N TYR A 4 6.90 -2.43 4.23
CA TYR A 4 6.99 -1.55 3.07
C TYR A 4 7.95 -0.39 3.33
N SER A 5 7.77 0.26 4.47
CA SER A 5 8.62 1.39 4.84
C SER A 5 10.09 0.97 4.91
N SER A 6 10.32 -0.32 5.12
CA SER A 6 11.68 -0.84 5.22
C SER A 6 12.31 -1.00 3.83
N LEU A 7 11.47 -1.07 2.80
CA LEU A 7 11.95 -1.21 1.43
C LEU A 7 12.36 0.14 0.85
N THR A 8 13.20 0.11 -0.17
CA THR A 8 13.68 1.32 -0.81
C THR A 8 12.58 1.93 -1.68
N VAL A 9 12.82 3.14 -2.18
CA VAL A 9 11.85 3.82 -3.02
C VAL A 9 11.61 3.01 -4.30
N VAL A 10 12.69 2.48 -4.85
CA VAL A 10 12.61 1.68 -6.07
C VAL A 10 11.83 0.39 -5.80
N GLN A 11 12.08 -0.20 -4.63
CA GLN A 11 11.39 -1.42 -4.24
C GLN A 11 9.90 -1.16 -4.03
N LEU A 12 9.60 -0.10 -3.29
CA LEU A 12 8.23 0.28 -3.02
C LEU A 12 7.50 0.64 -4.31
N LYS A 13 8.23 1.28 -5.23
CA LYS A 13 7.65 1.67 -6.51
C LYS A 13 7.33 0.45 -7.35
N ASP A 14 8.18 -0.58 -7.26
CA ASP A 14 7.97 -1.80 -8.02
C ASP A 14 6.73 -2.53 -7.53
N LEU A 15 6.60 -2.66 -6.21
CA LEU A 15 5.46 -3.32 -5.62
C LEU A 15 4.17 -2.58 -5.96
N LEU A 16 4.26 -1.25 -5.95
CA LEU A 16 3.10 -0.43 -6.27
C LEU A 16 2.66 -0.63 -7.72
N THR A 17 3.65 -0.68 -8.62
CA THR A 17 3.35 -0.89 -10.03
C THR A 17 2.63 -2.21 -10.22
N LYS A 18 3.11 -3.24 -9.53
CA LYS A 18 2.50 -4.56 -9.61
C LYS A 18 1.11 -4.55 -8.98
N ARG A 19 0.93 -3.67 -7.99
CA ARG A 19 -0.35 -3.57 -7.29
C ARG A 19 -1.26 -2.52 -7.95
N ASN A 20 -0.74 -1.82 -8.96
CA ASN A 20 -1.51 -0.81 -9.67
C ASN A 20 -1.88 0.34 -8.74
N LEU A 21 -0.92 0.77 -7.94
CA LEU A 21 -1.13 1.87 -7.00
C LEU A 21 -0.43 3.14 -7.46
N SER A 22 -0.76 4.26 -6.84
CA SER A 22 -0.15 5.54 -7.18
C SER A 22 1.25 5.67 -6.57
N VAL A 23 2.25 5.85 -7.42
CA VAL A 23 3.62 5.98 -6.96
C VAL A 23 4.10 7.43 -7.07
N GLY A 24 3.16 8.37 -7.16
CA GLY A 24 3.52 9.77 -7.27
C GLY A 24 3.81 10.40 -5.91
N GLY A 25 3.16 9.89 -4.88
CA GLY A 25 3.36 10.43 -3.54
C GLY A 25 4.73 10.10 -2.99
N LEU A 26 5.07 10.71 -1.85
CA LEU A 26 6.36 10.48 -1.22
C LEU A 26 6.45 9.05 -0.69
N LYS A 27 7.67 8.65 -0.30
CA LYS A 27 7.89 7.31 0.23
C LYS A 27 6.85 6.94 1.29
N ASN A 28 6.60 7.87 2.21
CA ASN A 28 5.62 7.66 3.26
C ASN A 28 4.23 7.42 2.67
N GLU A 29 3.95 8.08 1.55
CA GLU A 29 2.66 7.94 0.89
C GLU A 29 2.55 6.55 0.26
N LEU A 30 3.67 6.05 -0.25
CA LEU A 30 3.70 4.74 -0.87
C LEU A 30 3.42 3.65 0.16
N VAL A 31 4.06 3.76 1.31
CA VAL A 31 3.87 2.79 2.39
C VAL A 31 2.44 2.80 2.89
N GLN A 32 1.92 3.99 3.11
CA GLN A 32 0.54 4.15 3.59
C GLN A 32 -0.44 3.62 2.55
N ARG A 33 -0.11 3.79 1.28
CA ARG A 33 -0.97 3.32 0.20
C ARG A 33 -1.06 1.80 0.22
N LEU A 34 0.10 1.14 0.36
CA LEU A 34 0.14 -0.32 0.42
C LEU A 34 -0.53 -0.81 1.68
N ILE A 35 -0.36 -0.05 2.76
CA ILE A 35 -0.95 -0.40 4.05
C ILE A 35 -2.47 -0.32 3.99
N LYS A 36 -2.98 0.72 3.34
CA LYS A 36 -4.42 0.91 3.21
C LYS A 36 -5.04 -0.19 2.35
N ASP A 37 -4.39 -0.48 1.22
CA ASP A 37 -4.88 -1.51 0.31
C ASP A 37 -4.84 -2.89 0.97
N ASP A 38 -3.81 -3.11 1.79
CA ASP A 38 -3.65 -4.39 2.49
C ASP A 38 -4.70 -4.54 3.58
N GLU A 39 -4.96 -3.46 4.30
CA GLU A 39 -5.95 -3.47 5.37
C GLU A 39 -7.37 -3.57 4.81
N GLU A 40 -7.60 -2.92 3.68
CA GLU A 40 -8.91 -2.94 3.04
C GLU A 40 -9.23 -4.33 2.51
N SER A 41 -8.23 -5.01 1.97
CA SER A 41 -8.41 -6.35 1.43
C SER A 41 -8.74 -7.34 2.54
N LYS A 42 -8.25 -7.06 3.74
CA LYS A 42 -8.49 -7.94 4.89
C LYS A 42 -9.95 -7.90 5.31
N GLY A 43 -10.65 -6.83 4.93
CA GLY A 43 -12.05 -6.69 5.29
C GLY A 43 -12.96 -7.48 4.35
N GLU A 44 -13.63 -8.48 4.89
CA GLU A 44 -14.54 -9.31 4.10
C GLU A 44 -15.90 -8.62 3.93
N SER A 45 -16.45 -8.73 2.73
CA SER A 45 -17.74 -8.11 2.43
C SER A 45 -18.78 -9.18 2.08
N GLU A 46 -18.36 -10.18 1.34
CA GLU A 46 -19.25 -11.27 0.94
C GLU A 46 -20.34 -10.76 0.02
N VAL A 47 -21.36 -10.14 0.60
CA VAL A 47 -22.49 -9.59 -0.15
C VAL A 47 -23.30 -10.70 -0.80
N SER A 48 -24.46 -11.00 -0.20
CA SER A 48 -25.34 -12.04 -0.72
C SER A 48 -26.04 -11.59 -2.00
N PRO A 49 -26.84 -10.51 -1.91
CA PRO A 49 -27.57 -9.98 -3.07
C PRO A 49 -26.64 -9.29 -4.07
N GLN A 50 -27.04 -9.32 -5.34
CA GLN A 50 -26.24 -8.69 -6.39
C GLN A 50 -27.12 -7.84 -7.30
N SER A 1 2.18 -4.67 8.19
CA SER A 1 2.38 -3.92 6.92
C SER A 1 3.48 -2.88 7.07
N ALA A 2 4.46 -3.17 7.92
CA ALA A 2 5.57 -2.26 8.15
C ALA A 2 6.79 -2.60 7.29
N ASP A 3 6.77 -3.80 6.70
CA ASP A 3 7.86 -4.25 5.85
C ASP A 3 8.18 -3.23 4.76
N TYR A 4 7.15 -2.51 4.32
CA TYR A 4 7.33 -1.50 3.27
C TYR A 4 8.36 -0.45 3.69
N SER A 5 8.29 -0.03 4.93
CA SER A 5 9.21 0.97 5.46
C SER A 5 10.65 0.50 5.34
N SER A 6 10.85 -0.81 5.32
CA SER A 6 12.18 -1.39 5.21
C SER A 6 12.65 -1.43 3.76
N LEU A 7 11.71 -1.37 2.82
CA LEU A 7 12.03 -1.40 1.41
C LEU A 7 12.43 -0.01 0.91
N THR A 8 13.28 0.02 -0.11
CA THR A 8 13.75 1.28 -0.68
C THR A 8 12.65 1.92 -1.52
N VAL A 9 12.88 3.16 -1.94
CA VAL A 9 11.91 3.87 -2.75
C VAL A 9 11.66 3.12 -4.06
N VAL A 10 12.74 2.60 -4.65
CA VAL A 10 12.64 1.84 -5.88
C VAL A 10 11.86 0.56 -5.65
N GLN A 11 12.12 -0.09 -4.52
CA GLN A 11 11.42 -1.33 -4.17
C GLN A 11 9.94 -1.06 -3.97
N LEU A 12 9.64 -0.02 -3.19
CA LEU A 12 8.26 0.36 -2.93
C LEU A 12 7.53 0.69 -4.23
N LYS A 13 8.23 1.41 -5.11
CA LYS A 13 7.67 1.78 -6.40
C LYS A 13 7.31 0.56 -7.21
N ASP A 14 8.18 -0.45 -7.18
CA ASP A 14 7.96 -1.69 -7.91
C ASP A 14 6.71 -2.39 -7.38
N LEU A 15 6.56 -2.38 -6.06
CA LEU A 15 5.41 -3.01 -5.42
C LEU A 15 4.12 -2.38 -5.90
N LEU A 16 4.10 -1.05 -5.92
CA LEU A 16 2.93 -0.31 -6.38
C LEU A 16 2.64 -0.64 -7.84
N THR A 17 3.71 -0.76 -8.63
CA THR A 17 3.57 -1.08 -10.05
C THR A 17 2.83 -2.40 -10.21
N LYS A 18 3.20 -3.39 -9.40
CA LYS A 18 2.57 -4.69 -9.45
C LYS A 18 1.13 -4.61 -8.96
N ARG A 19 0.89 -3.70 -8.01
CA ARG A 19 -0.45 -3.52 -7.45
C ARG A 19 -1.27 -2.52 -8.28
N ASN A 20 -0.64 -1.91 -9.28
CA ASN A 20 -1.32 -0.94 -10.13
C ASN A 20 -1.76 0.28 -9.32
N LEU A 21 -0.86 0.77 -8.47
CA LEU A 21 -1.15 1.93 -7.64
C LEU A 21 -0.37 3.15 -8.12
N SER A 22 -0.81 4.33 -7.71
CA SER A 22 -0.15 5.57 -8.09
C SER A 22 1.11 5.80 -7.27
N VAL A 23 2.21 6.13 -7.95
CA VAL A 23 3.49 6.37 -7.28
C VAL A 23 3.82 7.86 -7.24
N GLY A 24 2.80 8.70 -7.42
CA GLY A 24 3.01 10.14 -7.40
C GLY A 24 3.29 10.66 -6.00
N GLY A 25 2.78 9.96 -4.99
CA GLY A 25 2.98 10.38 -3.62
C GLY A 25 4.38 10.11 -3.12
N LEU A 26 4.74 10.73 -2.00
CA LEU A 26 6.06 10.54 -1.41
C LEU A 26 6.23 9.12 -0.89
N LYS A 27 7.45 8.77 -0.52
CA LYS A 27 7.75 7.44 0.01
C LYS A 27 6.76 7.06 1.11
N ASN A 28 6.52 7.97 2.03
CA ASN A 28 5.59 7.74 3.12
C ASN A 28 4.20 7.43 2.59
N GLU A 29 3.85 8.05 1.46
CA GLU A 29 2.56 7.84 0.84
C GLU A 29 2.48 6.43 0.25
N LEU A 30 3.61 5.96 -0.27
CA LEU A 30 3.68 4.64 -0.86
C LEU A 30 3.45 3.57 0.21
N VAL A 31 4.11 3.75 1.35
CA VAL A 31 3.98 2.80 2.45
C VAL A 31 2.55 2.77 2.97
N GLN A 32 1.99 3.95 3.19
CA GLN A 32 0.61 4.06 3.68
C GLN A 32 -0.37 3.52 2.65
N ARG A 33 -0.05 3.73 1.37
CA ARG A 33 -0.92 3.26 0.29
C ARG A 33 -1.02 1.74 0.33
N LEU A 34 0.12 1.08 0.49
CA LEU A 34 0.16 -0.37 0.57
C LEU A 34 -0.54 -0.85 1.84
N ILE A 35 -0.36 -0.07 2.90
CA ILE A 35 -0.96 -0.38 4.20
C ILE A 35 -2.49 -0.29 4.12
N LYS A 36 -2.98 0.76 3.46
CA LYS A 36 -4.41 0.96 3.31
C LYS A 36 -5.03 -0.13 2.45
N ASP A 37 -4.36 -0.46 1.35
CA ASP A 37 -4.83 -1.49 0.44
C ASP A 37 -4.94 -2.83 1.14
N ASP A 38 -3.90 -3.18 1.90
CA ASP A 38 -3.87 -4.44 2.64
C ASP A 38 -4.97 -4.48 3.69
N GLU A 39 -5.15 -3.36 4.37
CA GLU A 39 -6.18 -3.26 5.41
C GLU A 39 -7.58 -3.29 4.81
N GLU A 40 -7.72 -2.73 3.61
CA GLU A 40 -8.99 -2.68 2.92
C GLU A 40 -9.46 -4.09 2.54
N SER A 41 -8.50 -4.92 2.12
CA SER A 41 -8.81 -6.29 1.72
C SER A 41 -9.21 -7.12 2.93
N LYS A 42 -8.64 -6.80 4.09
CA LYS A 42 -8.94 -7.52 5.32
C LYS A 42 -10.23 -7.00 5.96
N GLY A 43 -10.62 -5.78 5.60
CA GLY A 43 -11.83 -5.20 6.16
C GLY A 43 -13.08 -5.80 5.57
N GLU A 44 -14.00 -6.22 6.43
CA GLU A 44 -15.25 -6.83 6.00
C GLU A 44 -16.14 -5.79 5.31
N SER A 45 -16.77 -6.19 4.21
CA SER A 45 -17.64 -5.31 3.46
C SER A 45 -19.10 -5.73 3.61
N GLU A 46 -19.46 -6.22 4.79
CA GLU A 46 -20.82 -6.67 5.07
C GLU A 46 -21.50 -5.74 6.07
N VAL A 47 -22.82 -5.63 5.96
CA VAL A 47 -23.59 -4.79 6.86
C VAL A 47 -23.20 -3.32 6.70
N SER A 48 -24.21 -2.45 6.65
CA SER A 48 -23.98 -1.02 6.50
C SER A 48 -25.24 -0.22 6.84
N PRO A 49 -25.08 1.05 7.23
CA PRO A 49 -26.22 1.91 7.58
C PRO A 49 -27.06 2.28 6.36
N GLN A 50 -28.31 1.82 6.36
CA GLN A 50 -29.23 2.10 5.26
C GLN A 50 -30.67 2.05 5.72
N SER A 1 2.11 -4.57 7.88
CA SER A 1 2.32 -3.67 6.70
C SER A 1 3.42 -2.65 6.96
N ALA A 2 4.39 -3.03 7.79
CA ALA A 2 5.50 -2.15 8.14
C ALA A 2 6.71 -2.43 7.27
N ASP A 3 6.78 -3.65 6.73
CA ASP A 3 7.91 -4.06 5.88
C ASP A 3 8.12 -3.07 4.74
N TYR A 4 7.04 -2.51 4.22
CA TYR A 4 7.13 -1.55 3.12
C TYR A 4 8.05 -0.39 3.46
N SER A 5 7.91 0.12 4.69
CA SER A 5 8.74 1.24 5.14
C SER A 5 10.22 0.87 5.12
N SER A 6 10.50 -0.44 5.24
CA SER A 6 11.88 -0.92 5.23
C SER A 6 12.43 -1.03 3.81
N LEU A 7 11.52 -1.12 2.84
CA LEU A 7 11.93 -1.23 1.45
C LEU A 7 12.33 0.13 0.87
N THR A 8 13.17 0.10 -0.15
CA THR A 8 13.62 1.33 -0.80
C THR A 8 12.51 1.94 -1.65
N VAL A 9 12.73 3.16 -2.12
CA VAL A 9 11.75 3.83 -2.95
C VAL A 9 11.50 3.03 -4.23
N VAL A 10 12.58 2.52 -4.81
CA VAL A 10 12.47 1.71 -6.02
C VAL A 10 11.71 0.43 -5.75
N GLN A 11 11.97 -0.17 -4.59
CA GLN A 11 11.29 -1.40 -4.19
C GLN A 11 9.81 -1.14 -4.00
N LEU A 12 9.50 -0.08 -3.25
CA LEU A 12 8.12 0.30 -2.99
C LEU A 12 7.39 0.61 -4.28
N LYS A 13 8.08 1.31 -5.19
CA LYS A 13 7.50 1.67 -6.48
C LYS A 13 7.16 0.42 -7.28
N ASP A 14 8.05 -0.57 -7.22
CA ASP A 14 7.83 -1.82 -7.94
C ASP A 14 6.61 -2.55 -7.38
N LEU A 15 6.45 -2.51 -6.06
CA LEU A 15 5.33 -3.15 -5.41
C LEU A 15 4.02 -2.49 -5.83
N LEU A 16 3.99 -1.16 -5.79
CA LEU A 16 2.82 -0.40 -6.17
C LEU A 16 2.49 -0.66 -7.65
N THR A 17 3.52 -0.69 -8.48
CA THR A 17 3.35 -0.93 -9.90
C THR A 17 2.67 -2.28 -10.12
N LYS A 18 3.13 -3.29 -9.39
CA LYS A 18 2.57 -4.63 -9.48
C LYS A 18 1.15 -4.65 -8.90
N ARG A 19 0.89 -3.76 -7.94
CA ARG A 19 -0.42 -3.68 -7.31
C ARG A 19 -1.34 -2.70 -8.04
N ASN A 20 -0.80 -2.01 -9.04
CA ASN A 20 -1.58 -1.04 -9.81
C ASN A 20 -1.95 0.17 -8.95
N LEU A 21 -0.98 0.67 -8.19
CA LEU A 21 -1.21 1.82 -7.32
C LEU A 21 -0.34 3.00 -7.74
N SER A 22 -0.86 4.21 -7.56
CA SER A 22 -0.13 5.42 -7.93
C SER A 22 1.10 5.60 -7.04
N VAL A 23 2.25 5.84 -7.67
CA VAL A 23 3.49 6.03 -6.94
C VAL A 23 3.92 7.50 -6.93
N GLY A 24 2.96 8.39 -7.20
CA GLY A 24 3.26 9.81 -7.20
C GLY A 24 3.52 10.37 -5.82
N GLY A 25 2.95 9.72 -4.81
CA GLY A 25 3.14 10.17 -3.44
C GLY A 25 4.55 9.94 -2.94
N LEU A 26 4.90 10.62 -1.85
CA LEU A 26 6.23 10.49 -1.27
C LEU A 26 6.44 9.09 -0.68
N LYS A 27 7.67 8.79 -0.29
CA LYS A 27 8.00 7.48 0.29
C LYS A 27 6.99 7.09 1.37
N ASN A 28 6.69 8.03 2.25
CA ASN A 28 5.73 7.78 3.33
C ASN A 28 4.34 7.51 2.76
N GLU A 29 4.02 8.18 1.67
CA GLU A 29 2.73 8.01 1.02
C GLU A 29 2.63 6.64 0.37
N LEU A 30 3.76 6.17 -0.17
CA LEU A 30 3.83 4.88 -0.82
C LEU A 30 3.59 3.77 0.20
N VAL A 31 4.29 3.84 1.32
CA VAL A 31 4.16 2.84 2.38
C VAL A 31 2.74 2.80 2.90
N GLN A 32 2.20 3.98 3.21
CA GLN A 32 0.83 4.08 3.73
C GLN A 32 -0.17 3.61 2.69
N ARG A 33 0.13 3.87 1.42
CA ARG A 33 -0.75 3.46 0.33
C ARG A 33 -0.88 1.94 0.30
N LEU A 34 0.25 1.26 0.43
CA LEU A 34 0.26 -0.20 0.44
C LEU A 34 -0.44 -0.71 1.69
N ILE A 35 -0.24 0.01 2.79
CA ILE A 35 -0.83 -0.33 4.06
C ILE A 35 -2.36 -0.22 4.00
N LYS A 36 -2.84 0.87 3.41
CA LYS A 36 -4.28 1.09 3.29
C LYS A 36 -4.90 0.06 2.34
N ASP A 37 -4.23 -0.20 1.24
CA ASP A 37 -4.72 -1.17 0.26
C ASP A 37 -4.83 -2.56 0.87
N ASP A 38 -3.81 -2.94 1.64
CA ASP A 38 -3.79 -4.24 2.29
C ASP A 38 -4.90 -4.36 3.32
N GLU A 39 -5.13 -3.29 4.07
CA GLU A 39 -6.17 -3.27 5.09
C GLU A 39 -7.54 -3.46 4.46
N GLU A 40 -7.71 -2.98 3.23
CA GLU A 40 -8.97 -3.10 2.52
C GLU A 40 -9.27 -4.57 2.20
N SER A 41 -8.24 -5.30 1.82
CA SER A 41 -8.38 -6.71 1.48
C SER A 41 -8.87 -7.52 2.68
N LYS A 42 -8.45 -7.10 3.87
CA LYS A 42 -8.84 -7.78 5.10
C LYS A 42 -10.22 -7.33 5.57
N GLY A 43 -10.64 -6.16 5.11
CA GLY A 43 -11.94 -5.64 5.49
C GLY A 43 -12.70 -5.06 4.32
N GLU A 44 -13.56 -5.88 3.72
CA GLU A 44 -14.35 -5.45 2.57
C GLU A 44 -15.72 -4.94 3.02
N SER A 45 -16.51 -4.47 2.07
CA SER A 45 -17.85 -3.96 2.37
C SER A 45 -18.91 -4.99 2.02
N GLU A 46 -19.89 -5.14 2.90
CA GLU A 46 -20.98 -6.09 2.68
C GLU A 46 -22.32 -5.49 3.09
N VAL A 47 -22.34 -4.86 4.27
CA VAL A 47 -23.56 -4.25 4.78
C VAL A 47 -23.90 -2.97 4.01
N SER A 48 -22.86 -2.27 3.57
CA SER A 48 -23.05 -1.03 2.82
C SER A 48 -22.28 -1.08 1.50
N PRO A 49 -22.74 -0.30 0.49
CA PRO A 49 -22.08 -0.25 -0.81
C PRO A 49 -20.74 0.46 -0.77
N GLN A 50 -20.61 1.42 0.15
CA GLN A 50 -19.38 2.18 0.29
C GLN A 50 -18.24 1.28 0.74
N SER A 1 2.49 -4.14 5.85
CA SER A 1 2.05 -2.79 6.30
C SER A 1 3.24 -1.95 6.76
N ALA A 2 4.08 -2.55 7.61
CA ALA A 2 5.25 -1.85 8.13
C ALA A 2 6.49 -2.19 7.32
N ASP A 3 6.52 -3.41 6.77
CA ASP A 3 7.64 -3.86 5.96
C ASP A 3 7.87 -2.94 4.77
N TYR A 4 6.79 -2.34 4.28
CA TYR A 4 6.87 -1.43 3.13
C TYR A 4 7.84 -0.29 3.41
N SER A 5 7.70 0.34 4.56
CA SER A 5 8.57 1.45 4.93
C SER A 5 10.03 1.02 4.98
N SER A 6 10.26 -0.28 5.19
CA SER A 6 11.60 -0.83 5.25
C SER A 6 12.20 -0.99 3.86
N LEU A 7 11.33 -1.05 2.85
CA LEU A 7 11.78 -1.21 1.46
C LEU A 7 12.24 0.13 0.88
N THR A 8 13.10 0.07 -0.12
CA THR A 8 13.61 1.27 -0.77
C THR A 8 12.53 1.91 -1.65
N VAL A 9 12.82 3.11 -2.14
CA VAL A 9 11.88 3.81 -3.00
C VAL A 9 11.62 3.01 -4.27
N VAL A 10 12.69 2.45 -4.83
CA VAL A 10 12.56 1.65 -6.04
C VAL A 10 11.76 0.38 -5.76
N GLN A 11 11.99 -0.21 -4.59
CA GLN A 11 11.28 -1.42 -4.20
C GLN A 11 9.80 -1.12 -3.99
N LEU A 12 9.54 -0.03 -3.27
CA LEU A 12 8.17 0.37 -3.00
C LEU A 12 7.43 0.67 -4.30
N LYS A 13 8.14 1.29 -5.25
CA LYS A 13 7.56 1.62 -6.54
C LYS A 13 7.21 0.36 -7.32
N ASP A 14 8.09 -0.63 -7.23
CA ASP A 14 7.87 -1.90 -7.93
C ASP A 14 6.61 -2.58 -7.42
N LEU A 15 6.46 -2.62 -6.10
CA LEU A 15 5.29 -3.24 -5.47
C LEU A 15 4.03 -2.52 -5.91
N LEU A 16 4.06 -1.20 -5.90
CA LEU A 16 2.92 -0.39 -6.31
C LEU A 16 2.60 -0.64 -7.77
N THR A 17 3.65 -0.78 -8.59
CA THR A 17 3.48 -1.04 -10.01
C THR A 17 2.70 -2.33 -10.22
N LYS A 18 3.05 -3.35 -9.45
CA LYS A 18 2.37 -4.63 -9.54
C LYS A 18 0.94 -4.53 -9.02
N ARG A 19 0.74 -3.64 -8.05
CA ARG A 19 -0.59 -3.44 -7.47
C ARG A 19 -1.39 -2.38 -8.23
N ASN A 20 -0.75 -1.75 -9.22
CA ASN A 20 -1.41 -0.72 -10.01
C ASN A 20 -1.82 0.46 -9.15
N LEU A 21 -0.92 0.89 -8.27
CA LEU A 21 -1.19 2.00 -7.37
C LEU A 21 -0.41 3.25 -7.81
N SER A 22 -0.77 4.40 -7.24
CA SER A 22 -0.10 5.65 -7.57
C SER A 22 1.23 5.78 -6.82
N VAL A 23 2.30 5.98 -7.58
CA VAL A 23 3.63 6.12 -6.99
C VAL A 23 4.11 7.57 -7.01
N GLY A 24 3.17 8.49 -7.18
CA GLY A 24 3.53 9.90 -7.22
C GLY A 24 3.83 10.48 -5.84
N GLY A 25 3.19 9.92 -4.82
CA GLY A 25 3.42 10.39 -3.46
C GLY A 25 4.79 10.03 -2.95
N LEU A 26 5.18 10.63 -1.83
CA LEU A 26 6.49 10.37 -1.23
C LEU A 26 6.57 8.95 -0.69
N LYS A 27 7.76 8.54 -0.28
CA LYS A 27 7.97 7.20 0.26
C LYS A 27 6.92 6.85 1.31
N ASN A 28 6.69 7.77 2.24
CA ASN A 28 5.71 7.56 3.29
C ASN A 28 4.31 7.37 2.70
N GLU A 29 4.05 8.06 1.59
CA GLU A 29 2.77 7.97 0.91
C GLU A 29 2.62 6.59 0.29
N LEU A 30 3.73 6.05 -0.21
CA LEU A 30 3.74 4.73 -0.82
C LEU A 30 3.46 3.67 0.24
N VAL A 31 4.01 3.88 1.43
CA VAL A 31 3.82 2.94 2.52
C VAL A 31 2.37 2.90 2.96
N GLN A 32 1.79 4.07 3.14
CA GLN A 32 0.39 4.18 3.56
C GLN A 32 -0.54 3.58 2.50
N ARG A 33 -0.18 3.78 1.24
CA ARG A 33 -0.98 3.26 0.14
C ARG A 33 -1.00 1.74 0.17
N LEU A 34 0.17 1.14 0.36
CA LEU A 34 0.29 -0.31 0.44
C LEU A 34 -0.40 -0.83 1.70
N ILE A 35 -0.29 -0.04 2.77
CA ILE A 35 -0.89 -0.40 4.04
C ILE A 35 -2.42 -0.37 3.95
N LYS A 36 -2.95 0.64 3.27
CA LYS A 36 -4.40 0.77 3.10
C LYS A 36 -4.94 -0.37 2.25
N ASP A 37 -4.24 -0.69 1.17
CA ASP A 37 -4.66 -1.76 0.27
C ASP A 37 -4.66 -3.10 0.99
N ASP A 38 -3.63 -3.33 1.80
CA ASP A 38 -3.50 -4.57 2.54
C ASP A 38 -4.53 -4.65 3.65
N GLU A 39 -4.74 -3.53 4.34
CA GLU A 39 -5.71 -3.46 5.42
C GLU A 39 -7.14 -3.57 4.91
N GLU A 40 -7.39 -2.92 3.77
CA GLU A 40 -8.72 -2.94 3.16
C GLU A 40 -9.06 -4.34 2.66
N SER A 41 -8.07 -5.02 2.10
CA SER A 41 -8.26 -6.37 1.58
C SER A 41 -8.59 -7.35 2.70
N LYS A 42 -8.00 -7.12 3.87
CA LYS A 42 -8.23 -7.98 5.02
C LYS A 42 -9.43 -7.50 5.84
N GLY A 43 -10.15 -6.51 5.33
CA GLY A 43 -11.30 -5.99 6.04
C GLY A 43 -12.52 -6.87 5.90
N GLU A 44 -13.59 -6.54 6.62
CA GLU A 44 -14.82 -7.32 6.57
C GLU A 44 -15.97 -6.47 6.04
N SER A 45 -17.05 -7.14 5.64
CA SER A 45 -18.22 -6.45 5.11
C SER A 45 -17.88 -5.65 3.87
N GLU A 46 -18.90 -5.30 3.09
CA GLU A 46 -18.70 -4.53 1.87
C GLU A 46 -19.55 -3.26 1.89
N VAL A 47 -19.36 -2.41 0.88
CA VAL A 47 -20.11 -1.17 0.78
C VAL A 47 -20.92 -1.12 -0.51
N SER A 48 -22.19 -1.50 -0.42
CA SER A 48 -23.07 -1.49 -1.59
C SER A 48 -23.85 -0.18 -1.68
N PRO A 49 -24.56 0.21 -0.61
CA PRO A 49 -25.34 1.45 -0.59
C PRO A 49 -24.50 2.68 -0.96
N GLN A 50 -25.17 3.78 -1.24
CA GLN A 50 -24.48 5.02 -1.60
C GLN A 50 -25.39 6.23 -1.37
N SER A 1 2.76 -4.57 5.48
CA SER A 1 2.22 -3.30 6.04
C SER A 1 3.34 -2.40 6.54
N ALA A 2 4.19 -2.96 7.40
CA ALA A 2 5.31 -2.21 7.97
C ALA A 2 6.59 -2.45 7.17
N ASP A 3 6.71 -3.65 6.60
CA ASP A 3 7.88 -4.01 5.83
C ASP A 3 8.08 -3.06 4.65
N TYR A 4 6.98 -2.51 4.15
CA TYR A 4 7.03 -1.58 3.03
C TYR A 4 7.95 -0.40 3.33
N SER A 5 7.76 0.20 4.49
CA SER A 5 8.57 1.35 4.91
C SER A 5 10.05 0.97 4.95
N SER A 6 10.34 -0.30 5.15
CA SER A 6 11.72 -0.78 5.21
C SER A 6 12.32 -0.90 3.81
N LEU A 7 11.46 -1.01 2.80
CA LEU A 7 11.92 -1.12 1.42
C LEU A 7 12.32 0.22 0.85
N THR A 8 13.18 0.20 -0.15
CA THR A 8 13.65 1.44 -0.79
C THR A 8 12.56 2.03 -1.67
N VAL A 9 12.79 3.26 -2.13
CA VAL A 9 11.81 3.93 -2.99
C VAL A 9 11.61 3.13 -4.27
N VAL A 10 12.70 2.62 -4.84
CA VAL A 10 12.63 1.82 -6.05
C VAL A 10 11.87 0.52 -5.79
N GLN A 11 12.11 -0.07 -4.63
CA GLN A 11 11.44 -1.31 -4.26
C GLN A 11 9.96 -1.07 -4.08
N LEU A 12 9.62 -0.02 -3.34
CA LEU A 12 8.24 0.34 -3.09
C LEU A 12 7.51 0.66 -4.40
N LYS A 13 8.23 1.33 -5.31
CA LYS A 13 7.66 1.69 -6.60
C LYS A 13 7.32 0.44 -7.41
N ASP A 14 8.23 -0.53 -7.38
CA ASP A 14 8.04 -1.78 -8.12
C ASP A 14 6.82 -2.52 -7.59
N LEU A 15 6.69 -2.56 -6.26
CA LEU A 15 5.56 -3.23 -5.62
C LEU A 15 4.26 -2.55 -6.00
N LEU A 16 4.25 -1.21 -5.94
CA LEU A 16 3.07 -0.44 -6.29
C LEU A 16 2.71 -0.65 -7.76
N THR A 17 3.74 -0.72 -8.60
CA THR A 17 3.54 -0.92 -10.03
C THR A 17 2.81 -2.24 -10.26
N LYS A 18 3.24 -3.28 -9.56
CA LYS A 18 2.61 -4.59 -9.67
C LYS A 18 1.20 -4.57 -9.11
N ARG A 19 0.98 -3.73 -8.09
CA ARG A 19 -0.32 -3.62 -7.46
C ARG A 19 -1.20 -2.56 -8.15
N ASN A 20 -0.63 -1.86 -9.13
CA ASN A 20 -1.36 -0.84 -9.87
C ASN A 20 -1.74 0.32 -8.94
N LEU A 21 -0.80 0.75 -8.11
CA LEU A 21 -1.03 1.85 -7.19
C LEU A 21 -0.27 3.09 -7.62
N SER A 22 -0.69 4.24 -7.10
CA SER A 22 -0.05 5.51 -7.43
C SER A 22 1.33 5.61 -6.79
N VAL A 23 2.35 5.82 -7.62
CA VAL A 23 3.72 5.93 -7.13
C VAL A 23 4.21 7.37 -7.16
N GLY A 24 3.27 8.32 -7.23
CA GLY A 24 3.63 9.72 -7.27
C GLY A 24 3.86 10.31 -5.89
N GLY A 25 3.20 9.73 -4.89
CA GLY A 25 3.35 10.23 -3.53
C GLY A 25 4.71 9.92 -2.95
N LEU A 26 5.02 10.56 -1.82
CA LEU A 26 6.31 10.35 -1.16
C LEU A 26 6.41 8.94 -0.60
N LYS A 27 7.63 8.54 -0.21
CA LYS A 27 7.85 7.20 0.34
C LYS A 27 6.82 6.86 1.41
N ASN A 28 6.51 7.83 2.26
CA ASN A 28 5.53 7.63 3.32
C ASN A 28 4.13 7.40 2.74
N GLU A 29 3.84 8.09 1.64
CA GLU A 29 2.55 7.96 0.97
C GLU A 29 2.43 6.59 0.32
N LEU A 30 3.54 6.10 -0.21
CA LEU A 30 3.58 4.80 -0.85
C LEU A 30 3.31 3.68 0.15
N VAL A 31 3.99 3.74 1.29
CA VAL A 31 3.83 2.75 2.34
C VAL A 31 2.39 2.75 2.87
N GLN A 32 1.88 3.95 3.12
CA GLN A 32 0.52 4.10 3.62
C GLN A 32 -0.50 3.58 2.61
N ARG A 33 -0.19 3.76 1.33
CA ARG A 33 -1.08 3.31 0.27
C ARG A 33 -1.17 1.78 0.27
N LEU A 34 -0.02 1.13 0.38
CA LEU A 34 0.04 -0.33 0.40
C LEU A 34 -0.62 -0.84 1.68
N ILE A 35 -0.40 -0.12 2.77
CA ILE A 35 -0.94 -0.48 4.06
C ILE A 35 -2.46 -0.37 4.06
N LYS A 36 -2.97 0.70 3.44
CA LYS A 36 -4.40 0.93 3.36
C LYS A 36 -5.08 -0.14 2.51
N ASP A 37 -4.50 -0.41 1.34
CA ASP A 37 -5.05 -1.41 0.44
C ASP A 37 -5.01 -2.80 1.07
N ASP A 38 -3.95 -3.07 1.82
CA ASP A 38 -3.80 -4.36 2.49
C ASP A 38 -4.79 -4.50 3.64
N GLU A 39 -4.96 -3.42 4.38
CA GLU A 39 -5.88 -3.42 5.52
C GLU A 39 -7.33 -3.47 5.05
N GLU A 40 -7.60 -2.78 3.95
CA GLU A 40 -8.95 -2.75 3.38
C GLU A 40 -9.37 -4.12 2.87
N SER A 41 -8.42 -4.82 2.25
CA SER A 41 -8.68 -6.15 1.71
C SER A 41 -8.89 -7.16 2.83
N LYS A 42 -8.19 -6.97 3.93
CA LYS A 42 -8.30 -7.87 5.08
C LYS A 42 -9.48 -7.48 5.96
N GLY A 43 -9.92 -6.23 5.85
CA GLY A 43 -11.04 -5.77 6.65
C GLY A 43 -11.98 -4.86 5.88
N GLU A 44 -12.38 -3.75 6.49
CA GLU A 44 -13.27 -2.80 5.85
C GLU A 44 -13.11 -1.41 6.45
N SER A 45 -13.52 -0.39 5.71
CA SER A 45 -13.43 0.99 6.17
C SER A 45 -14.55 1.31 7.16
N GLU A 46 -14.37 2.38 7.91
CA GLU A 46 -15.37 2.81 8.89
C GLU A 46 -16.19 3.96 8.35
N VAL A 47 -16.38 4.00 7.03
CA VAL A 47 -17.15 5.05 6.40
C VAL A 47 -18.54 4.55 5.99
N SER A 48 -19.48 5.48 5.87
CA SER A 48 -20.85 5.14 5.49
C SER A 48 -21.09 5.44 4.02
N PRO A 49 -21.41 4.41 3.21
CA PRO A 49 -21.67 4.59 1.78
C PRO A 49 -22.98 5.32 1.52
N GLN A 50 -24.03 4.93 2.23
CA GLN A 50 -25.34 5.56 2.06
C GLN A 50 -25.53 6.68 3.07
N SER A 1 1.07 -4.59 5.63
CA SER A 1 2.31 -4.82 6.43
C SER A 1 3.15 -3.56 6.54
N ALA A 2 4.07 -3.54 7.49
CA ALA A 2 4.94 -2.39 7.70
C ALA A 2 6.28 -2.56 7.00
N ASP A 3 6.54 -3.77 6.50
CA ASP A 3 7.79 -4.05 5.80
C ASP A 3 8.01 -3.07 4.64
N TYR A 4 6.93 -2.49 4.14
CA TYR A 4 7.02 -1.55 3.03
C TYR A 4 7.96 -0.40 3.36
N SER A 5 7.80 0.18 4.55
CA SER A 5 8.65 1.28 4.98
C SER A 5 10.11 0.86 5.03
N SER A 6 10.35 -0.44 5.18
CA SER A 6 11.71 -0.97 5.25
C SER A 6 12.32 -1.06 3.85
N LEU A 7 11.47 -1.10 2.83
CA LEU A 7 11.94 -1.20 1.45
C LEU A 7 12.37 0.17 0.93
N THR A 8 13.18 0.17 -0.12
CA THR A 8 13.66 1.41 -0.72
C THR A 8 12.56 2.04 -1.57
N VAL A 9 12.81 3.28 -2.02
CA VAL A 9 11.84 3.98 -2.85
C VAL A 9 11.59 3.22 -4.14
N VAL A 10 12.67 2.72 -4.75
CA VAL A 10 12.56 1.96 -5.98
C VAL A 10 11.81 0.66 -5.75
N GLN A 11 12.09 0.02 -4.60
CA GLN A 11 11.43 -1.22 -4.25
C GLN A 11 9.95 -0.99 -4.01
N LEU A 12 9.63 0.07 -3.26
CA LEU A 12 8.25 0.41 -2.97
C LEU A 12 7.49 0.72 -4.25
N LYS A 13 8.15 1.41 -5.16
CA LYS A 13 7.54 1.78 -6.44
C LYS A 13 7.24 0.53 -7.26
N ASP A 14 8.15 -0.43 -7.24
CA ASP A 14 7.99 -1.67 -7.97
C ASP A 14 6.77 -2.43 -7.46
N LEU A 15 6.64 -2.50 -6.14
CA LEU A 15 5.52 -3.20 -5.52
C LEU A 15 4.20 -2.54 -5.93
N LEU A 16 4.17 -1.21 -5.86
CA LEU A 16 2.98 -0.46 -6.24
C LEU A 16 2.66 -0.69 -7.71
N THR A 17 3.70 -0.75 -8.54
CA THR A 17 3.52 -0.97 -9.96
C THR A 17 2.80 -2.29 -10.20
N LYS A 18 3.23 -3.32 -9.48
CA LYS A 18 2.62 -4.64 -9.58
C LYS A 18 1.19 -4.61 -9.05
N ARG A 19 0.95 -3.77 -8.04
CA ARG A 19 -0.37 -3.66 -7.44
C ARG A 19 -1.23 -2.63 -8.17
N ASN A 20 -0.65 -1.94 -9.14
CA ASN A 20 -1.37 -0.94 -9.92
C ASN A 20 -1.80 0.23 -9.02
N LEU A 21 -0.90 0.67 -8.17
CA LEU A 21 -1.18 1.78 -7.25
C LEU A 21 -0.42 3.03 -7.65
N SER A 22 -0.94 4.19 -7.29
CA SER A 22 -0.30 5.46 -7.62
C SER A 22 1.01 5.62 -6.86
N VAL A 23 2.10 5.79 -7.60
CA VAL A 23 3.41 5.95 -6.99
C VAL A 23 3.89 7.40 -7.09
N GLY A 24 2.96 8.32 -7.30
CA GLY A 24 3.31 9.73 -7.40
C GLY A 24 3.46 10.39 -6.04
N GLY A 25 3.31 9.63 -4.97
CA GLY A 25 3.44 10.18 -3.64
C GLY A 25 4.80 9.91 -3.03
N LEU A 26 5.08 10.55 -1.89
CA LEU A 26 6.35 10.38 -1.21
C LEU A 26 6.47 8.96 -0.63
N LYS A 27 7.67 8.61 -0.20
CA LYS A 27 7.92 7.28 0.37
C LYS A 27 6.87 6.94 1.43
N ASN A 28 6.53 7.92 2.26
CA ASN A 28 5.53 7.72 3.30
C ASN A 28 4.16 7.45 2.70
N GLU A 29 3.87 8.12 1.59
CA GLU A 29 2.59 7.94 0.90
C GLU A 29 2.52 6.57 0.27
N LEU A 30 3.64 6.10 -0.24
CA LEU A 30 3.72 4.79 -0.87
C LEU A 30 3.45 3.68 0.14
N VAL A 31 4.12 3.76 1.29
CA VAL A 31 3.96 2.77 2.34
C VAL A 31 2.52 2.76 2.86
N GLN A 32 1.98 3.96 3.08
CA GLN A 32 0.61 4.10 3.57
C GLN A 32 -0.37 3.55 2.54
N ARG A 33 -0.07 3.74 1.27
CA ARG A 33 -0.94 3.26 0.20
C ARG A 33 -1.01 1.74 0.22
N LEU A 34 0.15 1.10 0.34
CA LEU A 34 0.22 -0.35 0.39
C LEU A 34 -0.42 -0.86 1.68
N ILE A 35 -0.22 -0.10 2.76
CA ILE A 35 -0.78 -0.45 4.06
C ILE A 35 -2.31 -0.36 4.03
N LYS A 36 -2.82 0.71 3.43
CA LYS A 36 -4.26 0.92 3.34
C LYS A 36 -4.90 -0.16 2.46
N ASP A 37 -4.27 -0.44 1.32
CA ASP A 37 -4.78 -1.44 0.40
C ASP A 37 -4.83 -2.81 1.06
N ASP A 38 -3.79 -3.14 1.81
CA ASP A 38 -3.71 -4.43 2.49
C ASP A 38 -4.75 -4.51 3.61
N GLU A 39 -4.87 -3.43 4.36
CA GLU A 39 -5.83 -3.37 5.47
C GLU A 39 -7.27 -3.32 4.94
N GLU A 40 -7.45 -2.65 3.82
CA GLU A 40 -8.77 -2.53 3.20
C GLU A 40 -9.27 -3.88 2.71
N SER A 41 -8.37 -4.67 2.15
CA SER A 41 -8.71 -5.98 1.63
C SER A 41 -9.06 -6.94 2.76
N LYS A 42 -8.29 -6.88 3.84
CA LYS A 42 -8.52 -7.74 4.99
C LYS A 42 -9.58 -7.16 5.91
N GLY A 43 -9.83 -5.86 5.80
CA GLY A 43 -10.83 -5.22 6.63
C GLY A 43 -12.08 -4.85 5.85
N GLU A 44 -12.96 -4.09 6.49
CA GLU A 44 -14.21 -3.67 5.85
C GLU A 44 -13.98 -2.46 4.96
N SER A 45 -12.98 -1.64 5.32
CA SER A 45 -12.67 -0.44 4.55
C SER A 45 -13.83 0.55 4.58
N GLU A 46 -13.54 1.77 5.01
CA GLU A 46 -14.55 2.81 5.10
C GLU A 46 -14.47 3.75 3.89
N VAL A 47 -15.31 4.78 3.89
CA VAL A 47 -15.33 5.75 2.80
C VAL A 47 -14.87 7.12 3.27
N SER A 48 -15.29 7.48 4.48
CA SER A 48 -14.93 8.77 5.06
C SER A 48 -15.53 8.92 6.46
N PRO A 49 -14.68 9.17 7.48
CA PRO A 49 -15.13 9.34 8.86
C PRO A 49 -16.23 10.40 8.99
N GLN A 50 -17.17 10.16 9.88
CA GLN A 50 -18.27 11.08 10.10
C GLN A 50 -19.08 11.28 8.82
N SER A 1 2.61 -4.44 5.90
CA SER A 1 2.19 -3.08 6.35
C SER A 1 3.38 -2.26 6.83
N ALA A 2 4.22 -2.89 7.66
CA ALA A 2 5.40 -2.21 8.19
C ALA A 2 6.63 -2.51 7.34
N ASP A 3 6.65 -3.68 6.72
CA ASP A 3 7.76 -4.09 5.87
C ASP A 3 7.95 -3.12 4.71
N TYR A 4 6.84 -2.50 4.27
CA TYR A 4 6.89 -1.56 3.17
C TYR A 4 7.84 -0.41 3.47
N SER A 5 7.72 0.15 4.67
CA SER A 5 8.57 1.26 5.09
C SER A 5 10.04 0.86 5.09
N SER A 6 10.29 -0.45 5.26
CA SER A 6 11.66 -0.96 5.29
C SER A 6 12.24 -1.06 3.88
N LEU A 7 11.36 -1.12 2.88
CA LEU A 7 11.80 -1.22 1.49
C LEU A 7 12.24 0.14 0.96
N THR A 8 13.04 0.12 -0.10
CA THR A 8 13.54 1.34 -0.71
C THR A 8 12.48 1.96 -1.60
N VAL A 9 12.74 3.18 -2.07
CA VAL A 9 11.79 3.87 -2.94
C VAL A 9 11.57 3.07 -4.22
N VAL A 10 12.65 2.52 -4.76
CA VAL A 10 12.58 1.72 -5.97
C VAL A 10 11.78 0.44 -5.72
N GLN A 11 12.03 -0.16 -4.56
CA GLN A 11 11.33 -1.39 -4.18
C GLN A 11 9.84 -1.11 -3.99
N LEU A 12 9.54 -0.03 -3.28
CA LEU A 12 8.15 0.35 -3.04
C LEU A 12 7.45 0.68 -4.36
N LYS A 13 8.16 1.36 -5.25
CA LYS A 13 7.61 1.73 -6.54
C LYS A 13 7.30 0.49 -7.37
N ASP A 14 8.14 -0.53 -7.24
CA ASP A 14 7.97 -1.77 -7.97
C ASP A 14 6.71 -2.48 -7.50
N LEU A 15 6.55 -2.60 -6.19
CA LEU A 15 5.39 -3.25 -5.61
C LEU A 15 4.11 -2.53 -6.01
N LEU A 16 4.17 -1.20 -6.03
CA LEU A 16 3.02 -0.39 -6.41
C LEU A 16 2.64 -0.64 -7.86
N THR A 17 3.64 -0.71 -8.74
CA THR A 17 3.40 -0.95 -10.14
C THR A 17 2.69 -2.29 -10.33
N LYS A 18 3.15 -3.29 -9.58
CA LYS A 18 2.54 -4.62 -9.65
C LYS A 18 1.14 -4.60 -9.05
N ARG A 19 0.92 -3.70 -8.10
CA ARG A 19 -0.38 -3.57 -7.45
C ARG A 19 -1.28 -2.57 -8.16
N ASN A 20 -0.73 -1.89 -9.17
CA ASN A 20 -1.48 -0.91 -9.94
C ASN A 20 -1.89 0.27 -9.05
N LEU A 21 -0.95 0.75 -8.24
CA LEU A 21 -1.20 1.86 -7.34
C LEU A 21 -0.44 3.10 -7.79
N SER A 22 -0.79 4.25 -7.21
CA SER A 22 -0.14 5.51 -7.55
C SER A 22 1.21 5.63 -6.86
N VAL A 23 2.26 5.84 -7.64
CA VAL A 23 3.61 5.97 -7.09
C VAL A 23 4.08 7.42 -7.14
N GLY A 24 3.14 8.36 -7.25
CA GLY A 24 3.50 9.76 -7.31
C GLY A 24 3.76 10.34 -5.94
N GLY A 25 3.13 9.78 -4.91
CA GLY A 25 3.31 10.26 -3.56
C GLY A 25 4.70 9.96 -3.01
N LEU A 26 5.05 10.61 -1.91
CA LEU A 26 6.35 10.41 -1.29
C LEU A 26 6.46 9.00 -0.70
N LYS A 27 7.66 8.64 -0.26
CA LYS A 27 7.90 7.32 0.32
C LYS A 27 6.85 6.99 1.38
N ASN A 28 6.55 7.96 2.23
CA ASN A 28 5.55 7.78 3.28
C ASN A 28 4.18 7.54 2.68
N GLU A 29 3.91 8.19 1.55
CA GLU A 29 2.63 8.05 0.86
C GLU A 29 2.51 6.66 0.25
N LEU A 30 3.63 6.14 -0.23
CA LEU A 30 3.67 4.82 -0.84
C LEU A 30 3.44 3.73 0.21
N VAL A 31 4.12 3.85 1.35
CA VAL A 31 3.97 2.88 2.41
C VAL A 31 2.55 2.85 2.95
N GLN A 32 2.02 4.03 3.25
CA GLN A 32 0.66 4.15 3.76
C GLN A 32 -0.36 3.67 2.73
N ARG A 33 -0.06 3.90 1.45
CA ARG A 33 -0.95 3.49 0.38
C ARG A 33 -1.04 1.97 0.31
N LEU A 34 0.13 1.31 0.38
CA LEU A 34 0.17 -0.14 0.35
C LEU A 34 -0.45 -0.71 1.62
N ILE A 35 -0.25 -0.01 2.72
CA ILE A 35 -0.79 -0.42 4.01
C ILE A 35 -2.32 -0.36 4.00
N LYS A 36 -2.85 0.70 3.42
CA LYS A 36 -4.31 0.89 3.34
C LYS A 36 -4.93 -0.19 2.46
N ASP A 37 -4.34 -0.41 1.30
CA ASP A 37 -4.84 -1.42 0.36
C ASP A 37 -4.82 -2.81 0.99
N ASP A 38 -3.75 -3.11 1.70
CA ASP A 38 -3.59 -4.41 2.35
C ASP A 38 -4.60 -4.57 3.49
N GLU A 39 -4.78 -3.50 4.26
CA GLU A 39 -5.71 -3.51 5.38
C GLU A 39 -7.16 -3.57 4.90
N GLU A 40 -7.42 -2.90 3.77
CA GLU A 40 -8.76 -2.87 3.20
C GLU A 40 -9.18 -4.25 2.71
N SER A 41 -8.23 -4.96 2.10
CA SER A 41 -8.49 -6.30 1.58
C SER A 41 -8.68 -7.30 2.72
N LYS A 42 -7.98 -7.07 3.82
CA LYS A 42 -8.07 -7.96 4.97
C LYS A 42 -9.42 -7.81 5.68
N GLY A 43 -10.09 -6.69 5.45
CA GLY A 43 -11.38 -6.46 6.06
C GLY A 43 -11.75 -4.98 6.11
N GLU A 44 -12.59 -4.55 5.17
CA GLU A 44 -13.02 -3.17 5.10
C GLU A 44 -14.00 -2.95 3.96
N SER A 45 -13.72 -3.60 2.83
CA SER A 45 -14.57 -3.48 1.65
C SER A 45 -15.18 -4.83 1.28
N GLU A 46 -16.21 -4.79 0.44
CA GLU A 46 -16.89 -6.01 0.01
C GLU A 46 -16.22 -6.59 -1.23
N VAL A 47 -15.26 -7.49 -1.02
CA VAL A 47 -14.55 -8.12 -2.13
C VAL A 47 -14.74 -9.63 -2.11
N SER A 48 -14.71 -10.21 -0.92
CA SER A 48 -14.88 -11.66 -0.77
C SER A 48 -15.57 -11.98 0.54
N PRO A 49 -16.40 -13.05 0.56
CA PRO A 49 -17.12 -13.46 1.76
C PRO A 49 -16.21 -14.13 2.78
N GLN A 50 -16.61 -14.09 4.06
CA GLN A 50 -15.82 -14.69 5.13
C GLN A 50 -16.65 -15.72 5.90
N SER A 1 0.86 -3.71 5.99
CA SER A 1 2.21 -4.19 6.41
C SER A 1 3.16 -3.02 6.62
N ALA A 2 4.10 -3.18 7.55
CA ALA A 2 5.07 -2.14 7.85
C ALA A 2 6.38 -2.36 7.11
N ASP A 3 6.61 -3.58 6.66
CA ASP A 3 7.83 -3.93 5.92
C ASP A 3 8.07 -2.97 4.75
N TYR A 4 6.98 -2.42 4.22
CA TYR A 4 7.08 -1.48 3.09
C TYR A 4 8.01 -0.32 3.43
N SER A 5 7.80 0.28 4.59
CA SER A 5 8.63 1.41 5.02
C SER A 5 10.10 1.03 5.06
N SER A 6 10.38 -0.27 5.20
CA SER A 6 11.75 -0.76 5.25
C SER A 6 12.34 -0.91 3.86
N LEU A 7 11.47 -1.01 2.85
CA LEU A 7 11.91 -1.16 1.47
C LEU A 7 12.31 0.18 0.88
N THR A 8 13.17 0.14 -0.14
CA THR A 8 13.62 1.36 -0.80
C THR A 8 12.52 1.94 -1.68
N VAL A 9 12.73 3.16 -2.16
CA VAL A 9 11.76 3.82 -3.02
C VAL A 9 11.54 3.02 -4.29
N VAL A 10 12.63 2.49 -4.84
CA VAL A 10 12.55 1.68 -6.06
C VAL A 10 11.79 0.39 -5.78
N GLN A 11 12.04 -0.20 -4.62
CA GLN A 11 11.35 -1.43 -4.24
C GLN A 11 9.87 -1.18 -4.03
N LEU A 12 9.56 -0.11 -3.29
CA LEU A 12 8.18 0.25 -3.02
C LEU A 12 7.46 0.60 -4.32
N LYS A 13 8.17 1.25 -5.23
CA LYS A 13 7.60 1.65 -6.52
C LYS A 13 7.30 0.42 -7.37
N ASP A 14 8.16 -0.59 -7.29
CA ASP A 14 7.98 -1.82 -8.05
C ASP A 14 6.74 -2.56 -7.57
N LEU A 15 6.61 -2.71 -6.26
CA LEU A 15 5.47 -3.40 -5.67
C LEU A 15 4.17 -2.65 -6.00
N LEU A 16 4.24 -1.33 -5.96
CA LEU A 16 3.09 -0.49 -6.26
C LEU A 16 2.67 -0.67 -7.71
N THR A 17 3.64 -0.67 -8.61
CA THR A 17 3.36 -0.84 -10.03
C THR A 17 2.65 -2.17 -10.26
N LYS A 18 3.11 -3.22 -9.59
CA LYS A 18 2.51 -4.53 -9.71
C LYS A 18 1.12 -4.55 -9.08
N ARG A 19 0.94 -3.70 -8.06
CA ARG A 19 -0.35 -3.61 -7.37
C ARG A 19 -1.26 -2.56 -8.01
N ASN A 20 -0.74 -1.85 -9.00
CA ASN A 20 -1.51 -0.81 -9.70
C ASN A 20 -1.89 0.32 -8.75
N LEU A 21 -0.93 0.75 -7.93
CA LEU A 21 -1.16 1.82 -6.97
C LEU A 21 -0.45 3.10 -7.41
N SER A 22 -0.80 4.22 -6.77
CA SER A 22 -0.20 5.50 -7.10
C SER A 22 1.23 5.58 -6.57
N VAL A 23 2.18 5.78 -7.49
CA VAL A 23 3.59 5.88 -7.13
C VAL A 23 4.09 7.31 -7.20
N GLY A 24 3.16 8.26 -7.16
CA GLY A 24 3.53 9.67 -7.23
C GLY A 24 3.81 10.27 -5.86
N GLY A 25 3.16 9.70 -4.84
CA GLY A 25 3.35 10.21 -3.49
C GLY A 25 4.72 9.90 -2.94
N LEU A 26 5.08 10.56 -1.84
CA LEU A 26 6.38 10.35 -1.20
C LEU A 26 6.48 8.95 -0.62
N LYS A 27 7.68 8.57 -0.20
CA LYS A 27 7.92 7.26 0.39
C LYS A 27 6.87 6.94 1.45
N ASN A 28 6.55 7.93 2.27
CA ASN A 28 5.56 7.76 3.33
C ASN A 28 4.18 7.52 2.74
N GLU A 29 3.89 8.21 1.64
CA GLU A 29 2.60 8.06 0.96
C GLU A 29 2.50 6.70 0.31
N LEU A 30 3.62 6.22 -0.22
CA LEU A 30 3.67 4.92 -0.86
C LEU A 30 3.41 3.81 0.14
N VAL A 31 4.06 3.89 1.29
CA VAL A 31 3.89 2.90 2.33
C VAL A 31 2.45 2.87 2.83
N GLN A 32 1.91 4.06 3.09
CA GLN A 32 0.53 4.18 3.56
C GLN A 32 -0.44 3.64 2.53
N ARG A 33 -0.12 3.84 1.25
CA ARG A 33 -0.98 3.36 0.17
C ARG A 33 -1.04 1.84 0.18
N LEU A 34 0.12 1.21 0.32
CA LEU A 34 0.20 -0.25 0.37
C LEU A 34 -0.47 -0.76 1.64
N ILE A 35 -0.29 0.00 2.72
CA ILE A 35 -0.86 -0.35 4.01
C ILE A 35 -2.39 -0.29 3.96
N LYS A 36 -2.92 0.76 3.33
CA LYS A 36 -4.35 0.93 3.22
C LYS A 36 -4.97 -0.17 2.36
N ASP A 37 -4.37 -0.41 1.20
CA ASP A 37 -4.86 -1.44 0.28
C ASP A 37 -4.82 -2.81 0.94
N ASP A 38 -3.76 -3.08 1.70
CA ASP A 38 -3.61 -4.35 2.38
C ASP A 38 -4.63 -4.50 3.49
N GLU A 39 -4.86 -3.42 4.23
CA GLU A 39 -5.82 -3.43 5.33
C GLU A 39 -7.25 -3.52 4.81
N GLU A 40 -7.50 -2.86 3.68
CA GLU A 40 -8.83 -2.87 3.07
C GLU A 40 -9.19 -4.26 2.56
N SER A 41 -8.21 -4.95 2.01
CA SER A 41 -8.43 -6.30 1.48
C SER A 41 -8.69 -7.29 2.61
N LYS A 42 -8.07 -7.05 3.75
CA LYS A 42 -8.25 -7.92 4.92
C LYS A 42 -9.59 -7.68 5.58
N GLY A 43 -10.18 -6.51 5.34
CA GLY A 43 -11.47 -6.19 5.93
C GLY A 43 -12.63 -6.62 5.06
N GLU A 44 -12.68 -6.09 3.84
CA GLU A 44 -13.74 -6.42 2.90
C GLU A 44 -13.41 -7.67 2.11
N SER A 45 -14.43 -8.43 1.73
CA SER A 45 -14.24 -9.66 0.96
C SER A 45 -14.59 -9.44 -0.51
N GLU A 46 -13.65 -9.79 -1.39
CA GLU A 46 -13.86 -9.64 -2.82
C GLU A 46 -13.19 -10.76 -3.60
N VAL A 47 -13.85 -11.21 -4.66
CA VAL A 47 -13.32 -12.29 -5.48
C VAL A 47 -12.64 -11.74 -6.75
N SER A 48 -11.55 -12.37 -7.14
CA SER A 48 -10.81 -11.95 -8.33
C SER A 48 -9.64 -12.89 -8.61
N PRO A 49 -8.66 -12.98 -7.68
CA PRO A 49 -7.50 -13.85 -7.85
C PRO A 49 -7.86 -15.33 -7.77
N GLN A 50 -7.37 -16.09 -8.75
CA GLN A 50 -7.64 -17.53 -8.79
C GLN A 50 -6.41 -18.30 -9.23
N SER A 1 1.39 -4.95 5.48
CA SER A 1 2.48 -5.10 6.49
C SER A 1 3.35 -3.85 6.56
N ALA A 2 4.10 -3.72 7.64
CA ALA A 2 4.98 -2.57 7.82
C ALA A 2 6.32 -2.78 7.12
N ASP A 3 6.53 -3.97 6.56
CA ASP A 3 7.77 -4.28 5.86
C ASP A 3 8.04 -3.28 4.74
N TYR A 4 6.99 -2.62 4.26
CA TYR A 4 7.13 -1.64 3.19
C TYR A 4 8.16 -0.57 3.55
N SER A 5 8.05 -0.03 4.75
CA SER A 5 8.97 1.01 5.21
C SER A 5 10.41 0.50 5.19
N SER A 6 10.56 -0.82 5.28
CA SER A 6 11.89 -1.44 5.28
C SER A 6 12.47 -1.50 3.87
N LEU A 7 11.61 -1.42 2.87
CA LEU A 7 12.04 -1.46 1.47
C LEU A 7 12.45 -0.07 0.99
N THR A 8 13.27 -0.03 -0.05
CA THR A 8 13.74 1.22 -0.63
C THR A 8 12.63 1.87 -1.45
N VAL A 9 12.85 3.12 -1.86
CA VAL A 9 11.88 3.84 -2.67
C VAL A 9 11.64 3.11 -3.99
N VAL A 10 12.73 2.63 -4.58
CA VAL A 10 12.63 1.90 -5.83
C VAL A 10 11.87 0.59 -5.64
N GLN A 11 12.14 -0.08 -4.53
CA GLN A 11 11.47 -1.34 -4.22
C GLN A 11 9.98 -1.09 -3.99
N LEU A 12 9.67 -0.07 -3.19
CA LEU A 12 8.29 0.28 -2.90
C LEU A 12 7.57 0.67 -4.19
N LYS A 13 8.26 1.41 -5.03
CA LYS A 13 7.69 1.87 -6.30
C LYS A 13 7.32 0.67 -7.18
N ASP A 14 8.19 -0.35 -7.17
CA ASP A 14 7.95 -1.55 -7.96
C ASP A 14 6.71 -2.28 -7.45
N LEU A 15 6.60 -2.38 -6.13
CA LEU A 15 5.46 -3.04 -5.51
C LEU A 15 4.16 -2.35 -5.91
N LEU A 16 4.20 -1.02 -5.95
CA LEU A 16 3.05 -0.23 -6.32
C LEU A 16 2.65 -0.51 -7.77
N THR A 17 3.65 -0.59 -8.64
CA THR A 17 3.41 -0.85 -10.05
C THR A 17 2.69 -2.18 -10.21
N LYS A 18 3.12 -3.18 -9.45
CA LYS A 18 2.52 -4.49 -9.48
C LYS A 18 1.11 -4.45 -8.89
N ARG A 19 0.91 -3.55 -7.93
CA ARG A 19 -0.40 -3.40 -7.29
C ARG A 19 -1.27 -2.39 -8.04
N ASN A 20 -0.72 -1.75 -9.07
CA ASN A 20 -1.46 -0.78 -9.86
C ASN A 20 -1.86 0.42 -9.01
N LEU A 21 -0.93 0.91 -8.20
CA LEU A 21 -1.18 2.05 -7.33
C LEU A 21 -0.35 3.26 -7.77
N SER A 22 -0.90 4.45 -7.56
CA SER A 22 -0.22 5.69 -7.94
C SER A 22 1.13 5.80 -7.23
N VAL A 23 2.19 5.95 -8.01
CA VAL A 23 3.53 6.09 -7.45
C VAL A 23 4.04 7.51 -7.54
N GLY A 24 3.12 8.47 -7.71
CA GLY A 24 3.51 9.86 -7.81
C GLY A 24 3.56 10.55 -6.46
N GLY A 25 3.51 9.77 -5.38
CA GLY A 25 3.54 10.34 -4.06
C GLY A 25 4.86 10.09 -3.35
N LEU A 26 5.05 10.72 -2.19
CA LEU A 26 6.27 10.54 -1.42
C LEU A 26 6.35 9.13 -0.85
N LYS A 27 7.56 8.72 -0.46
CA LYS A 27 7.78 7.40 0.11
C LYS A 27 6.74 7.07 1.18
N ASN A 28 6.44 8.05 2.02
CA ASN A 28 5.46 7.87 3.08
C ASN A 28 4.08 7.57 2.50
N GLU A 29 3.78 8.17 1.36
CA GLU A 29 2.50 7.96 0.69
C GLU A 29 2.42 6.54 0.15
N LEU A 30 3.56 6.03 -0.34
CA LEU A 30 3.62 4.69 -0.88
C LEU A 30 3.36 3.66 0.20
N VAL A 31 4.02 3.81 1.35
CA VAL A 31 3.86 2.89 2.45
C VAL A 31 2.42 2.90 2.96
N GLN A 32 1.88 4.10 3.16
CA GLN A 32 0.52 4.27 3.64
C GLN A 32 -0.48 3.72 2.62
N ARG A 33 -0.15 3.87 1.34
CA ARG A 33 -1.02 3.38 0.28
C ARG A 33 -1.12 1.86 0.32
N LEU A 34 0.02 1.21 0.48
CA LEU A 34 0.05 -0.24 0.55
C LEU A 34 -0.61 -0.72 1.83
N ILE A 35 -0.43 0.06 2.89
CA ILE A 35 -1.01 -0.25 4.18
C ILE A 35 -2.54 -0.15 4.13
N LYS A 36 -3.04 0.89 3.48
CA LYS A 36 -4.48 1.09 3.36
C LYS A 36 -5.11 -0.01 2.51
N ASP A 37 -4.51 -0.30 1.37
CA ASP A 37 -5.02 -1.32 0.47
C ASP A 37 -4.95 -2.70 1.13
N ASP A 38 -3.91 -2.91 1.94
CA ASP A 38 -3.73 -4.17 2.63
C ASP A 38 -4.77 -4.35 3.73
N GLU A 39 -5.04 -3.27 4.45
CA GLU A 39 -6.02 -3.30 5.53
C GLU A 39 -7.40 -3.65 5.01
N GLU A 40 -7.72 -3.15 3.82
CA GLU A 40 -9.02 -3.41 3.21
C GLU A 40 -9.16 -4.87 2.83
N SER A 41 -8.08 -5.44 2.29
CA SER A 41 -8.09 -6.84 1.89
C SER A 41 -8.11 -7.76 3.09
N LYS A 42 -7.48 -7.34 4.18
CA LYS A 42 -7.43 -8.12 5.40
C LYS A 42 -8.69 -7.91 6.25
N GLY A 43 -9.38 -6.79 6.01
CA GLY A 43 -10.59 -6.50 6.75
C GLY A 43 -11.84 -6.92 6.01
N GLU A 44 -11.82 -8.13 5.47
CA GLU A 44 -12.97 -8.66 4.73
C GLU A 44 -13.57 -9.86 5.44
N SER A 45 -12.70 -10.68 6.05
CA SER A 45 -13.15 -11.87 6.76
C SER A 45 -13.56 -11.52 8.19
N GLU A 46 -14.19 -12.48 8.87
CA GLU A 46 -14.64 -12.28 10.24
C GLU A 46 -15.64 -11.14 10.32
N VAL A 47 -16.42 -10.95 9.25
CA VAL A 47 -17.41 -9.89 9.20
C VAL A 47 -18.82 -10.46 9.35
N SER A 48 -19.01 -11.69 8.87
CA SER A 48 -20.31 -12.34 8.95
C SER A 48 -20.69 -12.62 10.40
N PRO A 49 -21.98 -12.90 10.65
CA PRO A 49 -22.46 -13.20 12.00
C PRO A 49 -21.95 -14.54 12.52
N GLN A 50 -21.31 -14.52 13.68
CA GLN A 50 -20.77 -15.74 14.28
C GLN A 50 -21.86 -16.50 15.04
N SER A 1 2.59 -4.18 5.72
CA SER A 1 2.12 -2.84 6.18
C SER A 1 3.29 -1.99 6.64
N ALA A 2 4.13 -2.55 7.51
CA ALA A 2 5.29 -1.84 8.03
C ALA A 2 6.54 -2.18 7.23
N ASP A 3 6.59 -3.38 6.68
CA ASP A 3 7.73 -3.83 5.89
C ASP A 3 7.96 -2.91 4.70
N TYR A 4 6.88 -2.33 4.19
CA TYR A 4 6.97 -1.42 3.04
C TYR A 4 7.92 -0.26 3.33
N SER A 5 7.73 0.37 4.48
CA SER A 5 8.57 1.49 4.88
C SER A 5 10.04 1.09 4.93
N SER A 6 10.29 -0.20 5.15
CA SER A 6 11.65 -0.71 5.23
C SER A 6 12.26 -0.88 3.83
N LEU A 7 11.41 -0.97 2.83
CA LEU A 7 11.86 -1.14 1.45
C LEU A 7 12.30 0.19 0.86
N THR A 8 13.16 0.13 -0.15
CA THR A 8 13.66 1.34 -0.81
C THR A 8 12.58 1.95 -1.70
N VAL A 9 12.84 3.15 -2.20
CA VAL A 9 11.90 3.82 -3.07
C VAL A 9 11.66 3.00 -4.33
N VAL A 10 12.74 2.44 -4.88
CA VAL A 10 12.65 1.62 -6.07
C VAL A 10 11.85 0.35 -5.79
N GLN A 11 12.08 -0.23 -4.61
CA GLN A 11 11.37 -1.44 -4.22
C GLN A 11 9.89 -1.15 -4.03
N LEU A 12 9.60 -0.06 -3.32
CA LEU A 12 8.22 0.34 -3.06
C LEU A 12 7.51 0.66 -4.38
N LYS A 13 8.24 1.25 -5.32
CA LYS A 13 7.69 1.60 -6.62
C LYS A 13 7.31 0.35 -7.40
N ASP A 14 8.18 -0.65 -7.36
CA ASP A 14 7.93 -1.91 -8.07
C ASP A 14 6.68 -2.58 -7.51
N LEU A 15 6.57 -2.62 -6.19
CA LEU A 15 5.42 -3.22 -5.53
C LEU A 15 4.14 -2.51 -5.94
N LEU A 16 4.19 -1.19 -5.95
CA LEU A 16 3.04 -0.38 -6.33
C LEU A 16 2.68 -0.63 -7.79
N THR A 17 3.71 -0.80 -8.62
CA THR A 17 3.50 -1.06 -10.04
C THR A 17 2.70 -2.33 -10.22
N LYS A 18 3.07 -3.36 -9.47
CA LYS A 18 2.37 -4.65 -9.52
C LYS A 18 0.96 -4.53 -8.96
N ARG A 19 0.79 -3.64 -7.98
CA ARG A 19 -0.50 -3.43 -7.35
C ARG A 19 -1.32 -2.37 -8.09
N ASN A 20 -0.72 -1.75 -9.10
CA ASN A 20 -1.41 -0.71 -9.88
C ASN A 20 -1.75 0.49 -9.01
N LEU A 21 -0.79 0.91 -8.19
CA LEU A 21 -0.98 2.05 -7.30
C LEU A 21 -0.21 3.27 -7.80
N SER A 22 -0.54 4.43 -7.27
CA SER A 22 0.13 5.67 -7.66
C SER A 22 1.44 5.85 -6.90
N VAL A 23 2.51 6.10 -7.64
CA VAL A 23 3.82 6.29 -7.04
C VAL A 23 4.24 7.77 -7.07
N GLY A 24 3.27 8.65 -7.24
CA GLY A 24 3.55 10.08 -7.27
C GLY A 24 3.84 10.65 -5.89
N GLY A 25 3.27 10.02 -4.86
CA GLY A 25 3.48 10.49 -3.50
C GLY A 25 4.85 10.10 -2.96
N LEU A 26 5.19 10.66 -1.80
CA LEU A 26 6.48 10.37 -1.17
C LEU A 26 6.52 8.93 -0.67
N LYS A 27 7.72 8.46 -0.30
CA LYS A 27 7.89 7.10 0.19
C LYS A 27 6.84 6.76 1.25
N ASN A 28 6.65 7.67 2.20
CA ASN A 28 5.67 7.45 3.26
C ASN A 28 4.27 7.28 2.69
N GLU A 29 4.01 7.98 1.59
CA GLU A 29 2.70 7.89 0.93
C GLU A 29 2.52 6.52 0.31
N LEU A 30 3.62 5.98 -0.20
CA LEU A 30 3.60 4.66 -0.82
C LEU A 30 3.33 3.59 0.24
N VAL A 31 3.90 3.79 1.42
CA VAL A 31 3.72 2.86 2.52
C VAL A 31 2.26 2.83 2.97
N GLN A 32 1.70 4.01 3.17
CA GLN A 32 0.31 4.13 3.60
C GLN A 32 -0.64 3.54 2.55
N ARG A 33 -0.29 3.73 1.29
CA ARG A 33 -1.12 3.20 0.19
C ARG A 33 -1.14 1.69 0.23
N LEU A 34 0.02 1.08 0.41
CA LEU A 34 0.13 -0.36 0.48
C LEU A 34 -0.55 -0.87 1.75
N ILE A 35 -0.40 -0.10 2.81
CA ILE A 35 -0.99 -0.44 4.11
C ILE A 35 -2.52 -0.41 4.02
N LYS A 36 -3.05 0.61 3.36
CA LYS A 36 -4.49 0.76 3.21
C LYS A 36 -5.07 -0.37 2.36
N ASP A 37 -4.36 -0.71 1.28
CA ASP A 37 -4.81 -1.76 0.39
C ASP A 37 -4.80 -3.12 1.10
N ASP A 38 -3.78 -3.35 1.91
CA ASP A 38 -3.67 -4.61 2.65
C ASP A 38 -4.71 -4.68 3.75
N GLU A 39 -4.92 -3.56 4.43
CA GLU A 39 -5.90 -3.49 5.53
C GLU A 39 -7.32 -3.56 4.98
N GLU A 40 -7.53 -2.95 3.82
CA GLU A 40 -8.85 -2.94 3.20
C GLU A 40 -9.25 -4.34 2.74
N SER A 41 -8.28 -5.07 2.22
CA SER A 41 -8.52 -6.43 1.74
C SER A 41 -8.84 -7.37 2.90
N LYS A 42 -8.23 -7.10 4.06
CA LYS A 42 -8.44 -7.92 5.24
C LYS A 42 -9.71 -7.49 5.97
N GLY A 43 -10.16 -6.26 5.73
CA GLY A 43 -11.36 -5.77 6.39
C GLY A 43 -12.60 -5.98 5.56
N GLU A 44 -12.82 -5.10 4.59
CA GLU A 44 -13.99 -5.20 3.72
C GLU A 44 -13.78 -6.26 2.64
N SER A 45 -14.88 -6.74 2.07
CA SER A 45 -14.81 -7.76 1.02
C SER A 45 -14.76 -7.12 -0.36
N GLU A 46 -13.68 -7.37 -1.08
CA GLU A 46 -13.52 -6.81 -2.42
C GLU A 46 -12.42 -7.55 -3.19
N VAL A 47 -12.81 -8.29 -4.21
CA VAL A 47 -11.86 -9.05 -5.03
C VAL A 47 -11.36 -8.21 -6.20
N SER A 48 -10.04 -8.18 -6.37
CA SER A 48 -9.43 -7.42 -7.46
C SER A 48 -8.57 -8.32 -8.33
N PRO A 49 -9.11 -8.80 -9.48
CA PRO A 49 -8.38 -9.67 -10.40
C PRO A 49 -6.99 -9.13 -10.74
N GLN A 50 -6.96 -7.90 -11.25
CA GLN A 50 -5.70 -7.27 -11.62
C GLN A 50 -5.18 -6.38 -10.49
N SER A 1 0.75 -3.78 5.81
CA SER A 1 2.09 -4.30 6.20
C SER A 1 3.06 -3.17 6.50
N ALA A 2 3.98 -3.42 7.42
CA ALA A 2 4.97 -2.41 7.80
C ALA A 2 6.29 -2.60 7.05
N ASP A 3 6.50 -3.81 6.54
CA ASP A 3 7.73 -4.12 5.80
C ASP A 3 7.98 -3.12 4.68
N TYR A 4 6.91 -2.53 4.16
CA TYR A 4 7.01 -1.55 3.08
C TYR A 4 7.95 -0.41 3.46
N SER A 5 7.74 0.14 4.66
CA SER A 5 8.57 1.23 5.14
C SER A 5 10.05 0.84 5.18
N SER A 6 10.31 -0.45 5.27
CA SER A 6 11.67 -0.96 5.33
C SER A 6 12.27 -1.08 3.92
N LEU A 7 11.41 -1.15 2.91
CA LEU A 7 11.87 -1.27 1.53
C LEU A 7 12.30 0.09 0.98
N THR A 8 13.15 0.06 -0.04
CA THR A 8 13.64 1.28 -0.66
C THR A 8 12.56 1.93 -1.53
N VAL A 9 12.82 3.14 -1.99
CA VAL A 9 11.87 3.84 -2.84
C VAL A 9 11.62 3.06 -4.12
N VAL A 10 12.69 2.53 -4.69
CA VAL A 10 12.60 1.74 -5.92
C VAL A 10 11.81 0.47 -5.66
N GLN A 11 12.05 -0.15 -4.51
CA GLN A 11 11.35 -1.37 -4.13
C GLN A 11 9.87 -1.10 -3.94
N LEU A 12 9.56 -0.03 -3.20
CA LEU A 12 8.18 0.35 -2.95
C LEU A 12 7.47 0.68 -4.26
N LYS A 13 8.18 1.38 -5.15
CA LYS A 13 7.62 1.76 -6.44
C LYS A 13 7.34 0.53 -7.29
N ASP A 14 8.19 -0.49 -7.16
CA ASP A 14 8.02 -1.72 -7.91
C ASP A 14 6.76 -2.45 -7.48
N LEU A 15 6.59 -2.57 -6.16
CA LEU A 15 5.41 -3.23 -5.61
C LEU A 15 4.15 -2.51 -6.01
N LEU A 16 4.21 -1.17 -6.02
CA LEU A 16 3.07 -0.36 -6.40
C LEU A 16 2.68 -0.61 -7.85
N THR A 17 3.68 -0.66 -8.73
CA THR A 17 3.44 -0.90 -10.14
C THR A 17 2.74 -2.25 -10.33
N LYS A 18 3.22 -3.25 -9.61
CA LYS A 18 2.64 -4.59 -9.69
C LYS A 18 1.25 -4.60 -9.06
N ARG A 19 1.03 -3.71 -8.11
CA ARG A 19 -0.26 -3.63 -7.43
C ARG A 19 -1.19 -2.61 -8.11
N ASN A 20 -0.68 -1.91 -9.12
CA ASN A 20 -1.46 -0.92 -9.84
C ASN A 20 -1.88 0.23 -8.92
N LEU A 21 -0.94 0.69 -8.10
CA LEU A 21 -1.22 1.78 -7.17
C LEU A 21 -0.53 3.06 -7.61
N SER A 22 -0.90 4.17 -6.99
CA SER A 22 -0.32 5.47 -7.33
C SER A 22 1.06 5.61 -6.71
N VAL A 23 2.07 5.84 -7.54
CA VAL A 23 3.44 6.00 -7.08
C VAL A 23 3.88 7.46 -7.14
N GLY A 24 2.92 8.38 -7.22
CA GLY A 24 3.24 9.79 -7.27
C GLY A 24 3.53 10.38 -5.91
N GLY A 25 2.95 9.79 -4.88
CA GLY A 25 3.17 10.29 -3.53
C GLY A 25 4.57 10.00 -3.02
N LEU A 26 4.93 10.65 -1.92
CA LEU A 26 6.26 10.45 -1.33
C LEU A 26 6.41 9.04 -0.76
N LYS A 27 7.63 8.70 -0.35
CA LYS A 27 7.91 7.39 0.21
C LYS A 27 6.88 7.02 1.27
N ASN A 28 6.59 7.97 2.15
CA ASN A 28 5.63 7.75 3.23
C ASN A 28 4.24 7.48 2.65
N GLU A 29 3.93 8.14 1.55
CA GLU A 29 2.63 7.97 0.89
C GLU A 29 2.55 6.60 0.25
N LEU A 30 3.68 6.14 -0.28
CA LEU A 30 3.76 4.82 -0.91
C LEU A 30 3.49 3.72 0.09
N VAL A 31 4.15 3.80 1.24
CA VAL A 31 3.97 2.81 2.30
C VAL A 31 2.54 2.82 2.81
N GLN A 32 2.00 4.01 3.03
CA GLN A 32 0.63 4.16 3.51
C GLN A 32 -0.36 3.62 2.49
N ARG A 33 -0.05 3.81 1.21
CA ARG A 33 -0.92 3.33 0.14
C ARG A 33 -1.00 1.82 0.15
N LEU A 34 0.16 1.17 0.28
CA LEU A 34 0.22 -0.28 0.33
C LEU A 34 -0.44 -0.79 1.61
N ILE A 35 -0.24 -0.04 2.69
CA ILE A 35 -0.79 -0.39 3.98
C ILE A 35 -2.33 -0.30 3.95
N LYS A 36 -2.84 0.75 3.32
CA LYS A 36 -4.29 0.94 3.22
C LYS A 36 -4.93 -0.14 2.37
N ASP A 37 -4.31 -0.43 1.23
CA ASP A 37 -4.82 -1.45 0.32
C ASP A 37 -4.79 -2.83 0.99
N ASP A 38 -3.73 -3.10 1.74
CA ASP A 38 -3.59 -4.38 2.43
C ASP A 38 -4.56 -4.48 3.59
N GLU A 39 -4.73 -3.37 4.31
CA GLU A 39 -5.64 -3.34 5.45
C GLU A 39 -7.09 -3.38 4.99
N GLU A 40 -7.37 -2.71 3.88
CA GLU A 40 -8.72 -2.68 3.32
C GLU A 40 -9.14 -4.05 2.83
N SER A 41 -8.21 -4.77 2.23
CA SER A 41 -8.48 -6.11 1.70
C SER A 41 -8.78 -7.08 2.83
N LYS A 42 -8.10 -6.90 3.95
CA LYS A 42 -8.28 -7.78 5.11
C LYS A 42 -9.37 -7.23 6.04
N GLY A 43 -9.65 -5.94 5.93
CA GLY A 43 -10.67 -5.33 6.77
C GLY A 43 -12.04 -5.34 6.11
N GLU A 44 -13.08 -5.29 6.94
CA GLU A 44 -14.45 -5.29 6.43
C GLU A 44 -15.34 -4.36 7.26
N SER A 45 -16.16 -3.58 6.58
CA SER A 45 -17.07 -2.65 7.24
C SER A 45 -18.51 -3.15 7.19
N GLU A 46 -18.86 -3.83 6.10
CA GLU A 46 -20.19 -4.36 5.92
C GLU A 46 -20.22 -5.87 6.13
N VAL A 47 -21.29 -6.37 6.74
CA VAL A 47 -21.43 -7.79 7.00
C VAL A 47 -22.89 -8.19 7.13
N SER A 48 -23.27 -9.26 6.44
CA SER A 48 -24.65 -9.75 6.48
C SER A 48 -25.61 -8.71 5.90
N PRO A 49 -26.70 -9.16 5.25
CA PRO A 49 -27.69 -8.26 4.67
C PRO A 49 -28.55 -7.57 5.72
N GLN A 50 -29.20 -6.49 5.32
CA GLN A 50 -30.07 -5.73 6.22
C GLN A 50 -31.42 -5.43 5.57
#